data_7C9C
#
_entry.id   7C9C
#
_cell.length_a   1.00
_cell.length_b   1.00
_cell.length_c   1.00
_cell.angle_alpha   90.00
_cell.angle_beta   90.00
_cell.angle_gamma   90.00
#
_symmetry.space_group_name_H-M   'P 1'
#
loop_
_entity.id
_entity.type
_entity.pdbx_description
1 polymer "DNA (5'-D(P*TP*TP*TP*TP*TP*TP*TP*TP*T)-3')"
2 polymer 'Meiotic recombination protein DMC1/LIM15 homolog'
3 non-polymer 'CALCIUM ION'
4 non-polymer 'PHOSPHOAMINOPHOSPHONIC ACID-ADENYLATE ESTER'
#
loop_
_entity_poly.entity_id
_entity_poly.type
_entity_poly.pdbx_seq_one_letter_code
_entity_poly.pdbx_strand_id
1 'polydeoxyribonucleotide' (DT)(DT)(DT)(DT)(DT)(DT)(DT)(DT)(DT) D
2 'polypeptide(L)'
;MKEDQVVAEEPGFQDEEESLFQDIDLLQKHGINVADIKKLKSVGICTIKGIQMTTRRALCNVKGLSEAKVDKIKEAANKL
IEPGFLTAFEYSEKRKMVFHITTGSQEFDKLLGGGIESMAITEAFGEFRTGKTQLSHTLCVTAQLPGAGGYPGGKIIFID
TENTFRPDRLRDIADRFNVDHDAVLDNVLYARAYTSEHQMELLDYVAAKFHEEAGIFKLLIIDSIMALFRVDFSGRGELA
ERQQKLAQMLSRLQKISEEYNVAVFVTNQMTADPGATMTFQADPKKPIGGHILAHASTTRISLRKGRGELRIAKIYDSPE
MPENEATFAITAGGIGDAKE
;
A,B,C
#
# COMPACT_ATOMS: atom_id res chain seq x y z
N GLN B 22 44.39 18.70 -3.19
CA GLN B 22 45.68 18.51 -2.54
C GLN B 22 45.70 17.19 -1.80
N ASP B 23 46.51 16.24 -2.29
CA ASP B 23 46.61 14.95 -1.64
C ASP B 23 47.36 15.06 -0.32
N ILE B 24 47.39 13.93 0.40
CA ILE B 24 47.86 13.89 1.78
C ILE B 24 49.35 13.55 1.87
N ASP B 25 50.03 13.37 0.74
CA ASP B 25 51.45 13.03 0.75
C ASP B 25 52.33 14.22 1.11
N LEU B 26 51.76 15.41 1.20
CA LEU B 26 52.53 16.62 1.50
C LEU B 26 52.88 16.74 2.98
N LEU B 27 52.51 15.76 3.82
CA LEU B 27 52.78 15.85 5.25
C LEU B 27 53.91 14.93 5.69
N GLN B 28 54.24 13.90 4.90
CA GLN B 28 55.39 13.06 5.23
C GLN B 28 56.70 13.82 5.04
N LYS B 29 56.70 14.90 4.25
CA LYS B 29 57.84 15.80 4.21
C LYS B 29 57.84 16.78 5.38
N HIS B 30 56.83 16.75 6.24
CA HIS B 30 56.82 17.51 7.48
C HIS B 30 57.09 16.61 8.69
N GLY B 31 57.93 15.60 8.51
CA GLY B 31 58.34 14.75 9.61
C GLY B 31 57.37 13.66 10.01
N ILE B 32 56.23 13.56 9.34
CA ILE B 32 55.26 12.54 9.68
C ILE B 32 55.69 11.22 9.08
N ASN B 33 55.54 10.15 9.86
CA ASN B 33 55.77 8.79 9.38
C ASN B 33 54.82 8.50 8.21
N VAL B 34 55.30 7.64 7.30
CA VAL B 34 54.43 7.21 6.21
C VAL B 34 53.42 6.18 6.67
N ALA B 35 53.63 5.57 7.85
CA ALA B 35 52.66 4.60 8.37
C ALA B 35 51.42 5.31 8.88
N ASP B 36 51.55 6.58 9.27
CA ASP B 36 50.38 7.37 9.65
C ASP B 36 49.54 7.78 8.44
N ILE B 37 50.12 7.74 7.24
CA ILE B 37 49.39 8.12 6.04
C ILE B 37 48.37 7.05 5.67
N LYS B 38 48.71 5.78 5.87
CA LYS B 38 47.79 4.70 5.52
C LYS B 38 46.64 4.59 6.52
N LYS B 39 46.89 4.89 7.80
CA LYS B 39 45.80 4.79 8.77
C LYS B 39 44.84 5.95 8.66
N LEU B 40 45.28 7.08 8.09
CA LEU B 40 44.34 8.17 7.81
C LEU B 40 43.49 7.85 6.60
N LYS B 41 44.00 7.03 5.68
CA LYS B 41 43.19 6.58 4.56
C LYS B 41 42.24 5.46 4.94
N SER B 42 42.49 4.76 6.04
CA SER B 42 41.61 3.68 6.49
C SER B 42 40.29 4.20 7.08
N VAL B 43 40.24 5.48 7.45
CA VAL B 43 39.02 6.08 7.97
C VAL B 43 38.34 6.99 6.96
N GLY B 44 38.93 7.18 5.78
CA GLY B 44 38.30 7.94 4.72
C GLY B 44 38.81 9.35 4.50
N ILE B 45 40.04 9.63 4.88
CA ILE B 45 40.63 10.96 4.70
C ILE B 45 41.67 10.87 3.61
N CYS B 46 41.43 11.55 2.50
CA CYS B 46 42.34 11.56 1.36
C CYS B 46 42.92 12.93 1.06
N THR B 47 42.16 13.99 1.28
CA THR B 47 42.57 15.35 0.95
C THR B 47 42.92 16.13 2.22
N ILE B 48 43.59 17.28 2.03
CA ILE B 48 44.03 18.07 3.18
C ILE B 48 42.85 18.76 3.85
N LYS B 49 41.75 19.01 3.12
CA LYS B 49 40.57 19.59 3.73
C LYS B 49 39.82 18.57 4.60
N GLY B 50 40.06 17.27 4.40
CA GLY B 50 39.48 16.28 5.29
C GLY B 50 40.04 16.35 6.68
N ILE B 51 41.31 16.75 6.82
CA ILE B 51 41.88 17.06 8.13
C ILE B 51 41.21 18.28 8.75
N GLN B 52 40.94 19.32 7.96
CA GLN B 52 40.41 20.56 8.48
C GLN B 52 38.93 20.49 8.84
N MET B 53 38.25 19.38 8.56
CA MET B 53 36.84 19.24 8.88
C MET B 53 36.60 18.28 10.04
N THR B 54 37.41 17.24 10.18
CA THR B 54 37.25 16.32 11.31
C THR B 54 37.85 16.92 12.58
N THR B 55 37.23 16.62 13.72
CA THR B 55 37.68 17.13 15.00
C THR B 55 38.91 16.37 15.48
N ARG B 56 39.47 16.82 16.61
CA ARG B 56 40.46 16.01 17.30
C ARG B 56 39.84 14.82 18.01
N ARG B 57 38.54 14.84 18.28
CA ARG B 57 37.90 13.71 18.91
C ARG B 57 37.57 12.59 17.93
N ALA B 58 37.54 12.89 16.64
CA ALA B 58 37.20 11.85 15.66
C ALA B 58 38.44 11.08 15.24
N LEU B 59 39.63 11.56 15.60
CA LEU B 59 40.88 10.87 15.36
C LEU B 59 41.41 10.17 16.61
N CYS B 60 41.24 10.79 17.77
CA CYS B 60 41.80 10.24 19.00
C CYS B 60 40.95 9.10 19.55
N ASN B 61 39.63 9.23 19.49
CA ASN B 61 38.73 8.29 20.14
C ASN B 61 38.07 7.31 19.18
N VAL B 62 38.40 7.37 17.90
CA VAL B 62 37.93 6.36 16.95
C VAL B 62 39.05 5.44 16.47
N LYS B 63 40.24 5.98 16.19
CA LYS B 63 41.44 5.18 15.98
C LYS B 63 42.11 4.72 17.26
N GLY B 64 42.09 5.52 18.32
CA GLY B 64 42.74 5.12 19.56
C GLY B 64 44.23 5.36 19.60
N LEU B 65 44.69 6.50 19.09
CA LEU B 65 46.10 6.87 19.15
C LEU B 65 46.36 7.75 20.37
N SER B 66 47.64 7.99 20.63
CA SER B 66 48.00 8.97 21.64
C SER B 66 47.74 10.38 21.12
N GLU B 67 47.56 11.32 22.05
CA GLU B 67 47.19 12.68 21.67
C GLU B 67 48.41 13.52 21.29
N ALA B 68 49.62 13.00 21.51
CA ALA B 68 50.79 13.56 20.87
C ALA B 68 50.89 13.17 19.40
N LYS B 69 50.21 12.09 19.00
CA LYS B 69 50.15 11.71 17.60
C LYS B 69 49.13 12.55 16.83
N VAL B 70 48.34 13.36 17.55
CA VAL B 70 47.24 14.05 16.90
C VAL B 70 47.65 15.43 16.43
N ASP B 71 48.20 16.24 17.33
CA ASP B 71 48.62 17.58 16.94
C ASP B 71 49.87 17.58 16.07
N LYS B 72 50.55 16.44 15.88
CA LYS B 72 51.66 16.40 14.95
C LYS B 72 51.16 16.48 13.50
N ILE B 73 49.96 15.96 13.24
CA ILE B 73 49.36 16.12 11.91
C ILE B 73 48.41 17.31 11.84
N LYS B 74 48.07 17.91 12.98
CA LYS B 74 47.32 19.16 12.95
C LYS B 74 48.25 20.37 12.92
N GLU B 75 49.51 20.21 13.32
CA GLU B 75 50.51 21.25 13.06
C GLU B 75 51.01 21.17 11.63
N ALA B 76 51.09 19.96 11.07
CA ALA B 76 51.57 19.79 9.69
C ALA B 76 50.55 20.28 8.68
N ALA B 77 49.26 20.33 9.04
CA ALA B 77 48.24 20.85 8.16
C ALA B 77 48.18 22.37 8.17
N ASN B 78 48.90 23.02 9.09
CA ASN B 78 48.89 24.47 9.20
C ASN B 78 50.04 25.11 8.44
N LYS B 79 50.91 24.28 7.83
CA LYS B 79 52.02 24.73 7.01
C LYS B 79 51.62 24.78 5.53
N LEU B 80 50.38 25.12 5.28
CA LEU B 80 49.59 24.88 4.08
C LEU B 80 48.68 26.08 3.91
N ILE B 81 47.51 25.87 3.27
CA ILE B 81 46.45 26.86 3.14
C ILE B 81 46.15 27.54 4.47
N GLU B 82 46.00 28.85 4.43
CA GLU B 82 46.18 29.73 5.58
C GLU B 82 45.10 29.59 6.63
N PRO B 83 45.43 29.75 7.91
CA PRO B 83 44.44 30.18 8.88
C PRO B 83 44.45 31.70 8.98
N GLY B 84 43.27 32.28 8.98
CA GLY B 84 43.19 33.73 9.03
C GLY B 84 41.90 34.20 8.38
N PHE B 85 41.96 35.42 7.85
CA PHE B 85 40.79 36.14 7.39
C PHE B 85 41.02 36.68 5.98
N LEU B 86 39.97 36.63 5.17
CA LEU B 86 39.95 37.27 3.87
C LEU B 86 38.96 38.42 3.88
N THR B 87 39.22 39.41 3.02
CA THR B 87 38.22 40.44 2.81
C THR B 87 37.10 39.88 1.95
N ALA B 88 35.96 40.58 1.94
CA ALA B 88 34.83 40.12 1.14
C ALA B 88 35.08 40.34 -0.35
N PHE B 89 35.95 41.29 -0.69
CA PHE B 89 36.23 41.53 -2.11
C PHE B 89 37.15 40.46 -2.67
N GLU B 90 38.18 40.09 -1.91
CA GLU B 90 39.09 39.08 -2.40
C GLU B 90 38.53 37.67 -2.21
N TYR B 91 37.49 37.52 -1.39
CA TYR B 91 36.74 36.27 -1.35
C TYR B 91 35.79 36.15 -2.53
N SER B 92 35.32 37.28 -3.07
CA SER B 92 34.30 37.25 -4.11
C SER B 92 34.83 36.72 -5.43
N GLU B 93 36.13 36.88 -5.68
CA GLU B 93 36.76 36.28 -6.83
C GLU B 93 37.19 34.84 -6.59
N LYS B 94 37.18 34.39 -5.34
CA LYS B 94 37.31 32.98 -5.06
C LYS B 94 35.98 32.25 -5.23
N ARG B 95 34.87 32.99 -5.23
CA ARG B 95 33.54 32.46 -5.50
C ARG B 95 33.19 32.41 -6.98
N LYS B 96 34.18 32.48 -7.87
CA LYS B 96 33.86 32.40 -9.29
C LYS B 96 33.85 30.96 -9.79
N MET B 97 34.37 30.03 -9.01
CA MET B 97 34.40 28.64 -9.42
C MET B 97 33.06 27.94 -9.24
N VAL B 98 32.08 28.61 -8.62
CA VAL B 98 30.73 28.06 -8.51
C VAL B 98 30.04 28.14 -9.87
N PHE B 99 29.39 27.06 -10.26
CA PHE B 99 28.66 27.00 -11.52
C PHE B 99 27.16 26.92 -11.26
N HIS B 100 26.41 26.82 -12.34
CA HIS B 100 24.97 26.68 -12.28
C HIS B 100 24.52 25.69 -13.34
N ILE B 101 23.81 24.65 -12.91
CA ILE B 101 23.32 23.61 -13.79
C ILE B 101 21.87 23.92 -14.12
N THR B 102 21.60 24.19 -15.39
CA THR B 102 20.26 24.55 -15.80
C THR B 102 19.33 23.35 -15.75
N THR B 103 18.05 23.60 -15.56
CA THR B 103 17.08 22.54 -15.31
C THR B 103 16.43 22.02 -16.58
N GLY B 104 16.33 22.84 -17.61
CA GLY B 104 15.70 22.43 -18.86
C GLY B 104 14.69 23.40 -19.40
N SER B 105 14.17 24.32 -18.59
CA SER B 105 13.22 25.33 -19.04
C SER B 105 13.73 26.70 -18.63
N GLN B 106 13.27 27.72 -19.35
CA GLN B 106 13.86 29.05 -19.20
C GLN B 106 13.30 29.78 -17.99
N GLU B 107 12.00 29.66 -17.72
CA GLU B 107 11.43 30.37 -16.57
C GLU B 107 11.87 29.76 -15.25
N PHE B 108 12.17 28.46 -15.23
CA PHE B 108 12.58 27.82 -13.99
C PHE B 108 14.01 28.18 -13.62
N ASP B 109 14.81 28.62 -14.59
CA ASP B 109 16.17 29.04 -14.28
C ASP B 109 16.20 30.45 -13.73
N LYS B 110 15.24 31.29 -14.11
CA LYS B 110 15.20 32.66 -13.60
C LYS B 110 14.77 32.69 -12.14
N LEU B 111 14.07 31.66 -11.67
CA LEU B 111 13.76 31.54 -10.25
C LEU B 111 15.03 31.32 -9.44
N LEU B 112 15.81 30.30 -9.81
CA LEU B 112 16.99 29.93 -9.05
C LEU B 112 18.17 30.83 -9.33
N GLY B 113 18.10 31.68 -10.34
CA GLY B 113 19.20 32.56 -10.66
C GLY B 113 20.15 32.02 -11.69
N GLY B 114 19.75 31.02 -12.45
CA GLY B 114 20.62 30.45 -13.47
C GLY B 114 20.67 28.94 -13.39
N GLY B 115 19.94 28.36 -12.45
CA GLY B 115 19.91 26.92 -12.29
C GLY B 115 20.36 26.50 -10.91
N ILE B 116 20.65 25.20 -10.78
CA ILE B 116 21.00 24.63 -9.50
C ILE B 116 22.46 24.93 -9.18
N GLU B 117 22.69 25.62 -8.07
CA GLU B 117 23.99 26.13 -7.69
C GLU B 117 24.87 25.02 -7.13
N SER B 118 26.17 25.19 -7.30
CA SER B 118 27.14 24.32 -6.65
C SER B 118 27.45 24.84 -5.26
N MET B 119 28.20 24.02 -4.50
CA MET B 119 28.58 24.29 -3.11
C MET B 119 27.37 24.56 -2.22
N ALA B 120 26.29 23.82 -2.43
CA ALA B 120 25.05 24.05 -1.71
C ALA B 120 24.20 22.79 -1.77
N ILE B 121 23.10 22.80 -1.03
CA ILE B 121 22.13 21.72 -1.01
C ILE B 121 20.79 22.29 -1.43
N THR B 122 20.30 21.87 -2.60
CA THR B 122 19.01 22.32 -3.11
C THR B 122 18.00 21.20 -2.95
N GLU B 123 16.90 21.48 -2.27
CA GLU B 123 15.89 20.48 -1.97
C GLU B 123 14.57 20.89 -2.60
N ALA B 124 13.97 19.98 -3.37
CA ALA B 124 12.72 20.23 -4.08
C ALA B 124 11.70 19.19 -3.64
N PHE B 125 10.75 19.61 -2.81
CA PHE B 125 9.71 18.72 -2.33
C PHE B 125 8.43 18.92 -3.10
N GLY B 126 7.60 17.88 -3.14
CA GLY B 126 6.36 17.94 -3.89
C GLY B 126 5.36 16.99 -3.27
N GLU B 127 4.12 17.06 -3.74
CA GLU B 127 3.07 16.30 -3.07
C GLU B 127 3.01 14.85 -3.52
N PHE B 128 2.56 14.60 -4.75
CA PHE B 128 2.28 13.22 -5.09
C PHE B 128 2.74 12.85 -6.50
N ARG B 129 2.52 13.72 -7.49
CA ARG B 129 2.87 13.41 -8.88
C ARG B 129 3.51 14.60 -9.56
N THR B 130 4.08 15.51 -8.79
CA THR B 130 4.44 16.82 -9.28
C THR B 130 5.80 16.87 -9.95
N GLY B 131 6.35 15.74 -10.37
CA GLY B 131 7.57 15.73 -11.16
C GLY B 131 8.84 15.95 -10.37
N LYS B 132 9.16 15.03 -9.46
CA LYS B 132 10.41 15.06 -8.72
C LYS B 132 11.42 14.04 -9.21
N THR B 133 10.96 12.92 -9.74
CA THR B 133 11.86 12.03 -10.46
C THR B 133 11.83 12.30 -11.95
N GLN B 134 10.97 13.22 -12.40
CA GLN B 134 11.08 13.77 -13.74
C GLN B 134 12.10 14.89 -13.79
N LEU B 135 12.24 15.62 -12.69
CA LEU B 135 13.27 16.63 -12.57
C LEU B 135 14.64 16.01 -12.35
N SER B 136 14.73 14.87 -11.67
CA SER B 136 16.03 14.27 -11.46
C SER B 136 16.49 13.48 -12.68
N HIS B 137 15.57 13.13 -13.57
CA HIS B 137 15.97 12.48 -14.82
C HIS B 137 16.42 13.49 -15.85
N THR B 138 15.93 14.71 -15.78
CA THR B 138 16.37 15.74 -16.72
C THR B 138 17.77 16.22 -16.39
N LEU B 139 18.10 16.27 -15.09
CA LEU B 139 19.44 16.68 -14.68
C LEU B 139 20.49 15.63 -14.99
N CYS B 140 20.10 14.38 -15.21
CA CYS B 140 21.06 13.37 -15.62
C CYS B 140 21.50 13.54 -17.07
N VAL B 141 20.79 14.35 -17.84
CA VAL B 141 21.17 14.66 -19.21
C VAL B 141 21.70 16.09 -19.33
N THR B 142 21.08 17.03 -18.64
CA THR B 142 21.43 18.43 -18.79
C THR B 142 22.76 18.78 -18.15
N ALA B 143 23.18 18.03 -17.14
CA ALA B 143 24.48 18.30 -16.54
C ALA B 143 25.65 17.69 -17.29
N GLN B 144 25.40 17.08 -18.46
CA GLN B 144 26.46 16.59 -19.34
C GLN B 144 26.66 17.46 -20.56
N LEU B 145 25.96 18.58 -20.66
CA LEU B 145 26.01 19.42 -21.84
C LEU B 145 26.70 20.74 -21.52
N PRO B 146 27.49 21.28 -22.44
CA PRO B 146 28.09 22.59 -22.20
C PRO B 146 27.05 23.69 -22.24
N GLY B 147 27.14 24.59 -21.26
CA GLY B 147 26.10 25.58 -21.11
C GLY B 147 26.58 26.98 -20.76
N ALA B 148 25.80 27.67 -19.93
CA ALA B 148 26.08 29.06 -19.61
C ALA B 148 27.21 29.18 -18.58
N GLY B 149 27.92 30.29 -18.63
CA GLY B 149 29.01 30.55 -17.73
C GLY B 149 30.25 29.70 -17.96
N GLY B 150 30.36 29.07 -19.12
CA GLY B 150 31.48 28.21 -19.40
C GLY B 150 31.45 26.87 -18.70
N TYR B 151 30.29 26.44 -18.21
CA TYR B 151 30.13 25.16 -17.53
C TYR B 151 30.33 24.02 -18.53
N PRO B 152 31.34 23.17 -18.35
CA PRO B 152 31.66 22.16 -19.35
C PRO B 152 30.87 20.87 -19.29
N GLY B 153 30.28 20.52 -18.15
CA GLY B 153 29.55 19.27 -18.03
C GLY B 153 30.43 18.09 -17.66
N GLY B 154 29.88 17.14 -16.92
CA GLY B 154 30.64 16.00 -16.47
C GLY B 154 29.74 14.86 -16.05
N LYS B 155 30.32 13.94 -15.29
CA LYS B 155 29.61 12.73 -14.89
C LYS B 155 28.67 13.02 -13.73
N ILE B 156 27.83 12.04 -13.39
CA ILE B 156 26.71 12.22 -12.45
C ILE B 156 26.59 10.96 -11.62
N ILE B 157 26.36 11.13 -10.31
CA ILE B 157 26.09 10.03 -9.40
C ILE B 157 24.64 10.10 -8.93
N PHE B 158 23.92 8.99 -9.02
CA PHE B 158 22.49 8.93 -8.72
C PHE B 158 22.26 7.87 -7.64
N ILE B 159 22.06 8.29 -6.40
CA ILE B 159 21.69 7.37 -5.33
C ILE B 159 20.18 7.24 -5.30
N ASP B 160 19.68 6.01 -5.36
CA ASP B 160 18.25 5.76 -5.46
C ASP B 160 17.70 5.27 -4.12
N THR B 161 16.43 5.57 -3.88
CA THR B 161 15.77 5.17 -2.66
C THR B 161 14.40 4.54 -2.89
N GLU B 162 13.68 4.92 -3.94
CA GLU B 162 12.33 4.41 -4.17
C GLU B 162 12.26 3.33 -5.23
N ASN B 163 13.38 2.96 -5.85
CA ASN B 163 13.45 2.12 -7.04
C ASN B 163 12.57 2.68 -8.16
N THR B 164 12.92 3.89 -8.59
CA THR B 164 12.22 4.53 -9.69
C THR B 164 13.17 5.17 -10.70
N PHE B 165 14.36 4.60 -10.87
CA PHE B 165 15.26 5.05 -11.92
C PHE B 165 15.07 4.19 -13.15
N ARG B 166 14.72 4.83 -14.27
CA ARG B 166 14.48 4.09 -15.50
C ARG B 166 15.50 4.50 -16.56
N PRO B 167 16.36 3.58 -16.99
CA PRO B 167 17.40 3.96 -17.96
C PRO B 167 16.86 4.28 -19.33
N ASP B 168 15.80 3.62 -19.76
CA ASP B 168 15.20 3.93 -21.06
C ASP B 168 14.29 5.15 -21.02
N ARG B 169 14.12 5.76 -19.84
CA ARG B 169 13.52 7.08 -19.75
C ARG B 169 14.54 8.17 -20.04
N LEU B 170 15.82 7.89 -19.83
CA LEU B 170 16.88 8.82 -20.20
C LEU B 170 17.10 8.87 -21.70
N ARG B 171 16.63 7.86 -22.43
CA ARG B 171 16.75 7.90 -23.89
C ARG B 171 15.76 8.88 -24.49
N ASP B 172 14.57 9.00 -23.90
CA ASP B 172 13.56 9.92 -24.42
C ASP B 172 13.98 11.37 -24.23
N ILE B 173 14.82 11.64 -23.22
CA ILE B 173 15.31 12.98 -22.99
C ILE B 173 16.59 13.24 -23.79
N ALA B 174 17.36 12.20 -24.10
CA ALA B 174 18.62 12.40 -24.80
C ALA B 174 18.42 12.75 -26.26
N ASP B 175 17.28 12.39 -26.85
CA ASP B 175 17.02 12.79 -28.23
C ASP B 175 16.47 14.20 -28.35
N ARG B 176 16.02 14.79 -27.24
CA ARG B 176 15.58 16.18 -27.28
C ARG B 176 16.78 17.12 -27.40
N PHE B 177 17.89 16.79 -26.74
CA PHE B 177 19.10 17.58 -26.83
C PHE B 177 20.07 17.06 -27.88
N ASN B 178 19.67 16.03 -28.63
CA ASN B 178 20.41 15.47 -29.77
C ASN B 178 21.78 14.94 -29.36
N VAL B 179 21.79 14.07 -28.35
CA VAL B 179 22.99 13.44 -27.84
C VAL B 179 22.82 11.94 -28.03
N ASP B 180 23.92 11.26 -28.34
CA ASP B 180 23.87 9.82 -28.62
C ASP B 180 23.54 9.04 -27.36
N HIS B 181 23.13 7.78 -27.56
CA HIS B 181 22.56 6.98 -26.48
C HIS B 181 23.65 6.52 -25.53
N ASP B 182 24.80 6.10 -26.09
CA ASP B 182 25.84 5.46 -25.29
C ASP B 182 26.59 6.45 -24.42
N ALA B 183 26.71 7.70 -24.87
CA ALA B 183 27.46 8.69 -24.09
C ALA B 183 26.65 9.16 -22.90
N VAL B 184 25.33 9.06 -22.96
CA VAL B 184 24.49 9.50 -21.86
C VAL B 184 24.52 8.48 -20.73
N LEU B 185 24.37 7.20 -21.06
CA LEU B 185 24.22 6.19 -20.04
C LEU B 185 25.53 5.76 -19.41
N ASP B 186 26.67 6.01 -20.07
CA ASP B 186 27.94 5.61 -19.48
C ASP B 186 28.53 6.67 -18.57
N ASN B 187 27.92 7.86 -18.49
CA ASN B 187 28.39 8.92 -17.62
C ASN B 187 27.46 9.12 -16.44
N VAL B 188 26.65 8.11 -16.11
CA VAL B 188 25.73 8.17 -14.98
C VAL B 188 25.98 6.95 -14.13
N LEU B 189 26.57 7.14 -12.94
CA LEU B 189 26.69 6.04 -12.01
C LEU B 189 25.37 5.85 -11.28
N TYR B 190 25.22 4.70 -10.63
CA TYR B 190 23.95 4.35 -10.02
C TYR B 190 24.16 3.34 -8.91
N ALA B 191 23.45 3.54 -7.80
CA ALA B 191 23.44 2.56 -6.72
C ALA B 191 22.16 2.73 -5.94
N ARG B 192 21.51 1.62 -5.59
CA ARG B 192 20.30 1.66 -4.80
C ARG B 192 20.63 1.42 -3.33
N ALA B 193 20.16 2.30 -2.47
CA ALA B 193 20.28 2.12 -1.04
C ALA B 193 19.09 1.33 -0.53
N TYR B 194 19.37 0.21 0.13
CA TYR B 194 18.31 -0.70 0.54
C TYR B 194 17.73 -0.34 1.89
N THR B 195 18.53 0.22 2.78
CA THR B 195 18.05 0.66 4.08
C THR B 195 18.79 1.94 4.45
N SER B 196 18.47 2.49 5.62
CA SER B 196 19.00 3.78 6.02
C SER B 196 20.46 3.71 6.48
N GLU B 197 21.01 2.51 6.65
CA GLU B 197 22.45 2.35 6.89
C GLU B 197 23.23 2.44 5.59
N HIS B 198 22.62 2.01 4.49
CA HIS B 198 23.27 2.13 3.18
C HIS B 198 23.37 3.57 2.73
N GLN B 199 22.48 4.44 3.21
CA GLN B 199 22.58 5.83 2.81
C GLN B 199 23.79 6.51 3.43
N MET B 200 24.28 5.99 4.56
CA MET B 200 25.52 6.48 5.13
C MET B 200 26.71 5.61 4.76
N GLU B 201 26.46 4.36 4.36
CA GLU B 201 27.53 3.54 3.80
C GLU B 201 27.97 4.03 2.43
N LEU B 202 27.02 4.42 1.58
CA LEU B 202 27.35 4.74 0.20
C LEU B 202 28.09 6.06 0.08
N LEU B 203 27.99 6.93 1.08
CA LEU B 203 28.69 8.21 1.01
C LEU B 203 30.19 8.08 1.24
N ASP B 204 30.68 6.91 1.64
CA ASP B 204 32.11 6.65 1.59
C ASP B 204 32.57 6.37 0.17
N TYR B 205 31.75 5.67 -0.62
CA TYR B 205 32.12 5.38 -1.99
C TYR B 205 31.93 6.57 -2.91
N VAL B 206 31.08 7.52 -2.54
CA VAL B 206 30.96 8.75 -3.32
C VAL B 206 32.19 9.63 -3.11
N ALA B 207 32.70 9.69 -1.89
CA ALA B 207 33.88 10.49 -1.61
C ALA B 207 35.13 9.88 -2.26
N ALA B 208 35.15 8.56 -2.40
CA ALA B 208 36.28 7.92 -3.07
C ALA B 208 36.18 8.07 -4.58
N LYS B 209 34.95 8.11 -5.11
CA LYS B 209 34.78 8.25 -6.55
C LYS B 209 35.09 9.66 -7.00
N PHE B 210 34.79 10.65 -6.16
CA PHE B 210 35.13 12.03 -6.49
C PHE B 210 36.63 12.26 -6.41
N HIS B 211 37.32 11.46 -5.59
CA HIS B 211 38.72 11.70 -5.30
C HIS B 211 39.63 11.22 -6.43
N GLU B 212 39.24 10.16 -7.14
CA GLU B 212 40.11 9.62 -8.18
C GLU B 212 40.13 10.52 -9.42
N GLU B 213 39.01 10.67 -10.11
CA GLU B 213 38.97 11.59 -11.25
C GLU B 213 38.73 12.98 -10.70
N ALA B 214 39.83 13.70 -10.48
CA ALA B 214 39.79 15.00 -9.81
C ALA B 214 39.24 16.05 -10.77
N GLY B 215 37.95 16.33 -10.62
CA GLY B 215 37.34 17.44 -11.33
C GLY B 215 36.39 17.05 -12.43
N ILE B 216 36.09 15.75 -12.53
CA ILE B 216 35.20 15.28 -13.60
C ILE B 216 33.74 15.28 -13.18
N PHE B 217 33.43 14.77 -11.99
CA PHE B 217 32.05 14.71 -11.52
C PHE B 217 31.53 16.09 -11.17
N LYS B 218 30.25 16.32 -11.46
CA LYS B 218 29.65 17.63 -11.25
C LYS B 218 28.43 17.58 -10.35
N LEU B 219 27.64 16.52 -10.40
CA LEU B 219 26.36 16.47 -9.73
C LEU B 219 26.23 15.23 -8.87
N LEU B 220 25.55 15.37 -7.74
CA LEU B 220 25.17 14.26 -6.89
C LEU B 220 23.68 14.36 -6.64
N ILE B 221 22.91 13.46 -7.22
CA ILE B 221 21.47 13.45 -7.07
C ILE B 221 21.09 12.30 -6.14
N ILE B 222 20.45 12.64 -5.04
CA ILE B 222 19.79 11.64 -4.21
C ILE B 222 18.30 11.77 -4.44
N ASP B 223 17.60 10.65 -4.48
CA ASP B 223 16.15 10.65 -4.38
C ASP B 223 15.75 10.80 -2.92
N SER B 224 14.50 10.46 -2.59
CA SER B 224 13.88 10.89 -1.35
C SER B 224 14.64 10.41 -0.12
N ILE B 225 15.31 11.35 0.54
CA ILE B 225 16.23 11.00 1.62
C ILE B 225 15.46 10.56 2.85
N MET B 226 14.21 10.99 2.98
CA MET B 226 13.37 10.58 4.08
C MET B 226 12.46 9.41 3.74
N ALA B 227 12.65 8.79 2.57
CA ALA B 227 11.81 7.65 2.23
C ALA B 227 12.20 6.42 3.02
N LEU B 228 13.42 6.38 3.54
CA LEU B 228 13.85 5.26 4.35
C LEU B 228 13.90 5.58 5.84
N PHE B 229 13.89 6.86 6.21
CA PHE B 229 13.85 7.21 7.61
C PHE B 229 12.45 7.13 8.19
N ARG B 230 11.40 7.17 7.36
CA ARG B 230 10.05 7.08 7.89
C ARG B 230 9.74 5.68 8.38
N VAL B 231 10.27 4.65 7.73
CA VAL B 231 9.87 3.28 8.03
C VAL B 231 10.84 2.58 8.97
N ASP B 232 12.05 3.11 9.15
CA ASP B 232 13.03 2.47 10.01
C ASP B 232 13.02 3.01 11.43
N PHE B 233 12.36 4.13 11.66
CA PHE B 233 12.31 4.80 12.96
C PHE B 233 10.90 5.21 13.30
N SER B 234 9.95 4.29 13.17
CA SER B 234 8.55 4.62 13.41
C SER B 234 8.27 4.75 14.89
N GLY B 235 7.37 5.65 15.23
CA GLY B 235 6.96 5.90 16.60
C GLY B 235 7.44 7.25 17.09
N ARG B 236 7.16 7.51 18.36
CA ARG B 236 7.70 8.68 19.03
C ARG B 236 8.84 8.37 19.98
N GLY B 237 8.99 7.10 20.37
CA GLY B 237 10.14 6.70 21.16
C GLY B 237 11.44 6.67 20.38
N GLU B 238 11.35 6.68 19.05
CA GLU B 238 12.51 6.69 18.18
C GLU B 238 12.63 7.98 17.37
N LEU B 239 11.93 9.04 17.77
CA LEU B 239 12.05 10.30 17.05
C LEU B 239 13.39 10.98 17.36
N ALA B 240 13.91 10.80 18.57
CA ALA B 240 15.16 11.46 18.94
C ALA B 240 16.34 10.83 18.23
N GLU B 241 16.33 9.51 18.02
CA GLU B 241 17.39 8.91 17.23
C GLU B 241 17.26 9.18 15.75
N ARG B 242 16.05 9.39 15.24
CA ARG B 242 15.89 9.58 13.81
C ARG B 242 16.46 10.92 13.37
N GLN B 243 16.21 11.97 14.14
CA GLN B 243 16.74 13.28 13.83
C GLN B 243 18.20 13.45 14.21
N GLN B 244 18.81 12.46 14.86
CA GLN B 244 20.24 12.48 15.12
C GLN B 244 21.04 11.67 14.12
N LYS B 245 20.48 10.60 13.57
CA LYS B 245 21.13 9.94 12.44
C LYS B 245 20.95 10.72 11.16
N LEU B 246 19.95 11.60 11.09
CA LEU B 246 19.73 12.40 9.89
C LEU B 246 20.64 13.62 9.86
N ALA B 247 20.91 14.21 11.03
CA ALA B 247 21.74 15.41 11.09
C ALA B 247 23.20 15.09 10.79
N GLN B 248 23.65 13.88 11.13
CA GLN B 248 25.00 13.48 10.78
C GLN B 248 25.15 13.16 9.30
N MET B 249 24.05 12.96 8.60
CA MET B 249 24.11 12.72 7.17
C MET B 249 24.14 14.02 6.39
N LEU B 250 23.34 15.00 6.82
CA LEU B 250 23.28 16.28 6.12
C LEU B 250 24.55 17.09 6.31
N SER B 251 25.23 16.93 7.43
CA SER B 251 26.51 17.61 7.60
C SER B 251 27.59 16.96 6.76
N ARG B 252 27.44 15.67 6.47
CA ARG B 252 28.37 15.00 5.56
C ARG B 252 28.13 15.43 4.13
N LEU B 253 26.87 15.68 3.75
CA LEU B 253 26.58 16.11 2.39
C LEU B 253 27.06 17.54 2.14
N GLN B 254 27.00 18.38 3.17
CA GLN B 254 27.51 19.74 3.04
C GLN B 254 29.03 19.77 2.95
N LYS B 255 29.70 18.83 3.64
CA LYS B 255 31.16 18.80 3.59
C LYS B 255 31.68 18.26 2.27
N ILE B 256 31.02 17.24 1.71
CA ILE B 256 31.42 16.70 0.41
C ILE B 256 31.21 17.73 -0.68
N SER B 257 30.16 18.54 -0.57
CA SER B 257 29.83 19.52 -1.59
C SER B 257 30.81 20.69 -1.64
N GLU B 258 31.61 20.89 -0.61
CA GLU B 258 32.66 21.91 -0.61
C GLU B 258 34.05 21.33 -0.74
N GLU B 259 34.24 20.07 -0.38
CA GLU B 259 35.54 19.44 -0.49
C GLU B 259 35.90 19.15 -1.94
N TYR B 260 34.89 18.91 -2.78
CA TYR B 260 35.12 18.52 -4.16
C TYR B 260 34.39 19.38 -5.18
N ASN B 261 33.64 20.40 -4.74
CA ASN B 261 32.96 21.39 -5.60
C ASN B 261 31.95 20.71 -6.54
N VAL B 262 30.93 20.09 -5.95
CA VAL B 262 29.83 19.51 -6.70
C VAL B 262 28.54 20.16 -6.20
N ALA B 263 27.44 19.80 -6.87
CA ALA B 263 26.12 20.29 -6.51
C ALA B 263 25.28 19.11 -6.01
N VAL B 264 24.51 19.34 -4.96
CA VAL B 264 23.69 18.30 -4.34
C VAL B 264 22.23 18.66 -4.57
N PHE B 265 21.47 17.69 -5.08
CA PHE B 265 20.04 17.85 -5.31
C PHE B 265 19.32 16.75 -4.55
N VAL B 266 18.26 17.11 -3.83
CA VAL B 266 17.62 16.23 -2.86
C VAL B 266 16.11 16.33 -3.01
N THR B 267 15.45 15.18 -3.12
CA THR B 267 14.01 15.09 -3.26
C THR B 267 13.40 14.81 -1.89
N ASN B 268 12.24 15.39 -1.60
CA ASN B 268 11.57 15.17 -0.32
C ASN B 268 10.09 14.88 -0.53
N GLN B 269 9.48 14.25 0.48
CA GLN B 269 8.08 13.86 0.48
C GLN B 269 7.29 14.82 1.37
N MET B 270 6.01 14.53 1.57
CA MET B 270 5.13 15.43 2.33
C MET B 270 4.20 14.63 3.24
N THR B 271 3.76 15.29 4.30
CA THR B 271 2.72 14.75 5.19
C THR B 271 1.59 15.74 5.26
N ALA B 272 0.50 15.34 5.92
CA ALA B 272 -0.59 16.26 6.15
C ALA B 272 -0.35 17.06 7.42
N ASP B 273 -1.35 17.85 7.80
CA ASP B 273 -1.25 18.71 8.98
C ASP B 273 -2.66 18.96 9.51
N PRO B 274 -3.17 18.09 10.38
CA PRO B 274 -4.51 18.32 10.92
C PRO B 274 -4.59 19.48 11.90
N GLY B 275 -3.62 19.61 12.80
CA GLY B 275 -3.65 20.66 13.79
C GLY B 275 -4.17 20.19 15.14
N PRO B 284 -3.90 21.13 3.35
CA PRO B 284 -2.80 21.60 4.20
C PRO B 284 -1.71 20.56 4.36
N LYS B 285 -0.61 20.73 3.64
CA LYS B 285 0.51 19.81 3.68
C LYS B 285 1.67 20.43 4.44
N LYS B 286 2.71 19.64 4.64
CA LYS B 286 3.94 20.01 5.32
C LYS B 286 5.01 19.00 4.95
N PRO B 287 6.23 19.43 4.67
CA PRO B 287 7.28 18.47 4.31
C PRO B 287 7.71 17.60 5.47
N ILE B 288 8.00 16.35 5.16
CA ILE B 288 8.58 15.40 6.10
C ILE B 288 10.00 15.86 6.45
N GLY B 289 10.42 15.57 7.67
CA GLY B 289 11.69 16.08 8.15
C GLY B 289 11.48 17.37 8.91
N GLY B 290 11.99 17.47 10.12
CA GLY B 290 11.64 18.57 10.98
C GLY B 290 12.40 19.84 10.71
N HIS B 291 12.86 20.50 11.78
CA HIS B 291 13.64 21.71 11.62
C HIS B 291 15.08 21.43 11.21
N ILE B 292 15.52 20.18 11.34
CA ILE B 292 16.90 19.85 11.01
C ILE B 292 17.11 19.83 9.51
N LEU B 293 16.19 19.23 8.76
CA LEU B 293 16.24 19.31 7.31
C LEU B 293 15.94 20.70 6.79
N ALA B 294 15.14 21.47 7.52
CA ALA B 294 14.75 22.80 7.08
C ALA B 294 15.88 23.81 7.24
N HIS B 295 16.78 23.58 8.19
CA HIS B 295 17.87 24.53 8.41
C HIS B 295 19.07 24.20 7.54
N ALA B 296 19.36 22.92 7.36
CA ALA B 296 20.55 22.52 6.61
C ALA B 296 20.38 22.75 5.11
N SER B 297 19.15 22.79 4.62
CA SER B 297 18.91 23.01 3.21
C SER B 297 19.10 24.48 2.86
N THR B 298 19.66 24.74 1.69
CA THR B 298 19.91 26.10 1.25
C THR B 298 18.77 26.64 0.41
N THR B 299 18.32 25.89 -0.58
CA THR B 299 17.22 26.30 -1.44
C THR B 299 16.07 25.31 -1.29
N ARG B 300 14.85 25.83 -1.22
CA ARG B 300 13.67 25.01 -1.06
C ARG B 300 12.68 25.36 -2.14
N ILE B 301 12.27 24.36 -2.92
CA ILE B 301 11.31 24.51 -4.00
C ILE B 301 10.12 23.62 -3.70
N SER B 302 8.91 24.12 -3.96
CA SER B 302 7.71 23.30 -3.91
C SER B 302 7.13 23.17 -5.29
N LEU B 303 6.81 21.95 -5.68
CA LEU B 303 6.14 21.71 -6.94
C LEU B 303 4.67 21.38 -6.69
N ARG B 304 3.77 22.16 -7.28
CA ARG B 304 2.35 21.91 -7.22
C ARG B 304 1.85 21.50 -8.60
N LYS B 305 0.62 21.01 -8.64
CA LYS B 305 0.02 20.63 -9.91
C LYS B 305 -1.01 21.65 -10.35
N GLY B 306 -0.96 22.03 -11.62
CA GLY B 306 -1.92 22.97 -12.17
C GLY B 306 -2.69 22.40 -13.34
N ARG B 307 -2.75 23.20 -14.40
CA ARG B 307 -3.55 22.93 -15.59
C ARG B 307 -2.98 21.72 -16.32
N GLY B 308 -3.55 20.55 -16.11
CA GLY B 308 -3.20 19.39 -16.92
C GLY B 308 -1.79 18.86 -16.73
N GLU B 309 -0.91 19.14 -17.69
CA GLU B 309 0.49 18.75 -17.61
C GLU B 309 1.39 19.89 -17.17
N LEU B 310 0.82 20.99 -16.68
CA LEU B 310 1.62 22.10 -16.17
C LEU B 310 1.77 21.99 -14.67
N ARG B 311 2.98 22.24 -14.19
CA ARG B 311 3.25 22.28 -12.76
C ARG B 311 3.64 23.69 -12.38
N ILE B 312 3.66 23.97 -11.09
CA ILE B 312 3.90 25.31 -10.58
C ILE B 312 4.98 25.22 -9.52
N ALA B 313 6.10 25.90 -9.75
CA ALA B 313 7.23 25.88 -8.83
C ALA B 313 7.33 27.20 -8.08
N LYS B 314 7.72 27.12 -6.81
CA LYS B 314 7.75 28.28 -5.94
C LYS B 314 8.87 28.15 -4.93
N ILE B 315 9.62 29.23 -4.74
CA ILE B 315 10.75 29.26 -3.82
C ILE B 315 10.23 29.59 -2.43
N TYR B 316 10.55 28.74 -1.45
CA TYR B 316 10.39 29.11 -0.04
C TYR B 316 11.63 29.77 0.53
N ASP B 317 12.72 29.02 0.61
CA ASP B 317 13.92 29.45 1.31
C ASP B 317 15.03 29.58 0.28
N SER B 318 15.74 30.69 0.32
CA SER B 318 16.89 30.94 -0.52
C SER B 318 17.62 32.13 0.07
N PRO B 319 18.96 32.12 0.13
CA PRO B 319 19.66 33.26 0.70
C PRO B 319 19.67 34.49 -0.18
N GLU B 320 19.36 34.37 -1.46
CA GLU B 320 19.43 35.51 -2.36
C GLU B 320 18.22 35.69 -3.25
N MET B 321 17.47 34.61 -3.57
CA MET B 321 16.40 34.83 -4.53
C MET B 321 15.06 35.05 -3.82
N PRO B 322 14.19 35.92 -4.33
CA PRO B 322 12.91 36.18 -3.67
C PRO B 322 11.85 35.14 -4.02
N GLU B 323 10.74 35.23 -3.31
CA GLU B 323 9.65 34.28 -3.50
C GLU B 323 8.87 34.59 -4.76
N ASN B 324 8.98 33.74 -5.77
CA ASN B 324 8.31 33.96 -7.04
C ASN B 324 7.87 32.61 -7.57
N GLU B 325 7.05 32.65 -8.63
CA GLU B 325 6.48 31.44 -9.19
C GLU B 325 6.78 31.34 -10.68
N ALA B 326 6.68 30.12 -11.20
CA ALA B 326 6.89 29.83 -12.60
C ALA B 326 5.97 28.67 -12.99
N THR B 327 6.14 28.15 -14.21
CA THR B 327 5.33 27.05 -14.71
C THR B 327 6.20 26.09 -15.50
N PHE B 328 5.94 24.79 -15.33
CA PHE B 328 6.66 23.73 -16.01
C PHE B 328 5.88 23.28 -17.23
N ALA B 329 6.39 22.21 -17.85
CA ALA B 329 5.59 21.32 -18.69
C ALA B 329 6.32 19.99 -18.72
N ILE B 330 5.79 18.99 -18.03
CA ILE B 330 6.39 17.67 -18.09
C ILE B 330 5.98 17.04 -19.42
N THR B 331 6.86 17.12 -20.40
CA THR B 331 6.61 16.59 -21.73
C THR B 331 7.27 15.21 -21.83
N ALA B 332 7.27 14.66 -23.03
CA ALA B 332 7.91 13.37 -23.27
C ALA B 332 9.43 13.46 -23.30
N GLY B 333 9.99 14.66 -23.30
CA GLY B 333 11.42 14.82 -23.29
C GLY B 333 11.93 15.51 -22.05
N GLY B 334 11.26 15.29 -20.92
CA GLY B 334 11.68 15.90 -19.68
C GLY B 334 10.87 17.13 -19.33
N ILE B 335 11.52 18.13 -18.78
CA ILE B 335 10.86 19.36 -18.38
C ILE B 335 11.08 20.42 -19.44
N GLY B 336 10.01 21.06 -19.88
CA GLY B 336 10.05 22.08 -20.90
C GLY B 336 9.22 23.26 -20.51
N ASP B 337 8.69 23.96 -21.50
CA ASP B 337 7.95 25.19 -21.25
C ASP B 337 6.50 25.13 -21.68
N GLN C 22 20.00 -16.94 -3.57
CA GLN C 22 21.18 -17.35 -2.82
C GLN C 22 20.80 -17.65 -1.38
N ASP C 23 20.87 -18.93 -1.01
CA ASP C 23 20.53 -19.32 0.35
C ASP C 23 21.60 -18.84 1.35
N ILE C 24 21.32 -19.07 2.62
CA ILE C 24 22.08 -18.48 3.71
C ILE C 24 23.19 -19.42 4.20
N ASP C 25 23.34 -20.60 3.58
CA ASP C 25 24.36 -21.56 4.00
C ASP C 25 25.76 -21.13 3.57
N LEU C 26 25.88 -20.08 2.75
CA LEU C 26 27.16 -19.63 2.26
C LEU C 26 27.96 -18.83 3.30
N LEU C 27 27.43 -18.68 4.52
CA LEU C 27 28.11 -17.89 5.54
C LEU C 27 28.76 -18.75 6.62
N GLN C 28 28.31 -20.00 6.79
CA GLN C 28 28.97 -20.89 7.73
C GLN C 28 30.36 -21.29 7.24
N LYS C 29 30.64 -21.17 5.94
CA LYS C 29 32.01 -21.30 5.45
C LYS C 29 32.81 -20.01 5.64
N HIS C 30 32.20 -18.95 6.16
CA HIS C 30 32.91 -17.74 6.55
C HIS C 30 33.07 -17.65 8.07
N GLY C 31 33.24 -18.80 8.73
CA GLY C 31 33.51 -18.83 10.16
C GLY C 31 32.30 -18.67 11.06
N ILE C 32 31.11 -18.53 10.50
CA ILE C 32 29.91 -18.37 11.31
C ILE C 32 29.48 -19.73 11.81
N ASN C 33 29.08 -19.78 13.09
CA ASN C 33 28.48 -20.97 13.67
C ASN C 33 27.23 -21.35 12.90
N VAL C 34 26.94 -22.66 12.87
CA VAL C 34 25.71 -23.11 12.26
C VAL C 34 24.51 -22.86 13.17
N ALA C 35 24.75 -22.60 14.47
CA ALA C 35 23.64 -22.30 15.37
C ALA C 35 23.08 -20.91 15.12
N ASP C 36 23.90 -20.02 14.56
CA ASP C 36 23.41 -18.70 14.16
C ASP C 36 22.56 -18.77 12.90
N ILE C 37 22.67 -19.85 12.13
CA ILE C 37 21.89 -19.98 10.90
C ILE C 37 20.42 -20.27 11.22
N LYS C 38 20.17 -21.05 12.28
CA LYS C 38 18.79 -21.38 12.63
C LYS C 38 18.07 -20.21 13.29
N LYS C 39 18.80 -19.38 14.05
CA LYS C 39 18.14 -18.25 14.69
C LYS C 39 17.85 -17.13 13.70
N LEU C 40 18.58 -17.08 12.59
CA LEU C 40 18.23 -16.12 11.54
C LEU C 40 17.01 -16.59 10.76
N LYS C 41 16.78 -17.91 10.71
CA LYS C 41 15.57 -18.41 10.09
C LYS C 41 14.35 -18.30 11.00
N SER C 42 14.57 -18.15 12.31
CA SER C 42 13.45 -18.01 13.24
C SER C 42 12.78 -16.65 13.16
N VAL C 43 13.44 -15.66 12.57
CA VAL C 43 12.86 -14.34 12.39
C VAL C 43 12.44 -14.08 10.95
N GLY C 44 12.67 -15.01 10.04
CA GLY C 44 12.18 -14.90 8.69
C GLY C 44 13.21 -14.51 7.64
N ILE C 45 14.49 -14.78 7.88
CA ILE C 45 15.54 -14.45 6.93
C ILE C 45 16.05 -15.73 6.32
N CYS C 46 15.84 -15.90 5.01
CA CYS C 46 16.27 -17.09 4.31
C CYS C 46 17.32 -16.81 3.23
N THR C 47 17.24 -15.66 2.58
CA THR C 47 18.13 -15.31 1.49
C THR C 47 19.16 -14.27 1.92
N ILE C 48 20.19 -14.09 1.09
CA ILE C 48 21.27 -13.17 1.45
C ILE C 48 20.82 -11.71 1.33
N LYS C 49 19.81 -11.43 0.50
CA LYS C 49 19.26 -10.09 0.41
C LYS C 49 18.41 -9.72 1.62
N GLY C 50 17.96 -10.72 2.39
CA GLY C 50 17.27 -10.43 3.62
C GLY C 50 18.18 -9.83 4.68
N ILE C 51 19.45 -10.20 4.66
CA ILE C 51 20.45 -9.52 5.48
C ILE C 51 20.65 -8.08 5.02
N GLN C 52 20.70 -7.83 3.72
CA GLN C 52 20.99 -6.51 3.18
C GLN C 52 19.83 -5.53 3.32
N MET C 53 18.66 -5.97 3.78
CA MET C 53 17.51 -5.09 3.94
C MET C 53 17.20 -4.80 5.39
N THR C 54 17.43 -5.74 6.30
CA THR C 54 17.19 -5.48 7.72
C THR C 54 18.34 -4.67 8.31
N THR C 55 18.03 -3.81 9.27
CA THR C 55 19.01 -2.96 9.92
C THR C 55 19.82 -3.77 10.93
N ARG C 56 20.82 -3.11 11.52
CA ARG C 56 21.48 -3.69 12.69
C ARG C 56 20.61 -3.59 13.94
N ARG C 57 19.61 -2.71 13.96
CA ARG C 57 18.72 -2.61 15.10
C ARG C 57 17.65 -3.69 15.10
N ALA C 58 17.38 -4.29 13.95
CA ALA C 58 16.33 -5.31 13.90
C ALA C 58 16.87 -6.68 14.26
N LEU C 59 18.19 -6.82 14.34
CA LEU C 59 18.83 -8.05 14.80
C LEU C 59 19.31 -7.96 16.24
N CYS C 60 19.80 -6.78 16.65
CA CYS C 60 20.37 -6.65 17.98
C CYS C 60 19.28 -6.50 19.04
N ASN C 61 18.23 -5.75 18.75
CA ASN C 61 17.24 -5.39 19.75
C ASN C 61 15.93 -6.19 19.62
N VAL C 62 15.86 -7.13 18.69
CA VAL C 62 14.72 -8.04 18.63
C VAL C 62 15.08 -9.46 19.02
N LYS C 63 16.21 -9.96 18.52
CA LYS C 63 16.62 -11.32 18.81
C LYS C 63 17.67 -11.40 19.93
N GLY C 64 17.95 -12.62 20.38
CA GLY C 64 18.92 -12.84 21.43
C GLY C 64 20.34 -12.92 20.89
N LEU C 65 20.85 -11.78 20.43
CA LEU C 65 22.20 -11.72 19.89
C LEU C 65 22.98 -10.56 20.50
N SER C 66 24.30 -10.56 20.30
CA SER C 66 25.15 -9.51 20.83
C SER C 66 25.70 -8.63 19.72
N GLU C 67 26.24 -7.48 20.10
CA GLU C 67 26.81 -6.55 19.12
C GLU C 67 27.86 -7.26 18.27
N ALA C 68 28.91 -7.75 18.93
CA ALA C 68 29.96 -8.46 18.23
C ALA C 68 29.42 -9.64 17.43
N LYS C 69 28.24 -10.14 17.79
CA LYS C 69 27.60 -11.19 17.00
C LYS C 69 26.92 -10.63 15.76
N VAL C 70 26.86 -9.31 15.63
CA VAL C 70 26.07 -8.72 14.57
C VAL C 70 26.93 -8.44 13.34
N ASP C 71 28.03 -7.71 13.52
CA ASP C 71 28.89 -7.42 12.38
C ASP C 71 29.68 -8.64 11.91
N LYS C 72 29.65 -9.77 12.62
CA LYS C 72 30.29 -10.97 12.11
C LYS C 72 29.49 -11.55 10.94
N ILE C 73 28.17 -11.36 10.94
CA ILE C 73 27.35 -11.76 9.79
C ILE C 73 27.10 -10.62 8.83
N LYS C 74 27.43 -9.39 9.20
CA LYS C 74 27.39 -8.28 8.25
C LYS C 74 28.72 -8.11 7.53
N GLU C 75 29.82 -8.64 8.09
CA GLU C 75 31.05 -8.75 7.33
C GLU C 75 31.01 -9.94 6.39
N ALA C 76 30.35 -11.03 6.81
CA ALA C 76 30.26 -12.23 5.97
C ALA C 76 29.35 -12.03 4.78
N ALA C 77 28.41 -11.09 4.86
CA ALA C 77 27.54 -10.78 3.74
C ALA C 77 28.21 -9.87 2.71
N ASN C 78 29.39 -9.32 3.03
CA ASN C 78 30.09 -8.42 2.14
C ASN C 78 31.13 -9.15 1.30
N LYS C 79 31.29 -10.46 1.52
CA LYS C 79 32.18 -11.32 0.75
C LYS C 79 31.44 -11.99 -0.40
N LEU C 80 30.49 -11.27 -0.98
CA LEU C 80 29.37 -11.73 -1.78
C LEU C 80 29.13 -10.66 -2.83
N ILE C 81 27.88 -10.55 -3.29
CA ILE C 81 27.41 -9.49 -4.20
C ILE C 81 27.88 -8.11 -3.71
N GLU C 82 28.35 -7.31 -4.65
CA GLU C 82 29.26 -6.20 -4.39
C GLU C 82 28.60 -5.04 -3.64
N PRO C 83 29.33 -4.34 -2.79
CA PRO C 83 28.99 -2.95 -2.48
C PRO C 83 29.75 -2.03 -3.43
N GLY C 84 29.03 -1.06 -3.97
CA GLY C 84 29.65 -0.16 -4.92
C GLY C 84 28.62 0.41 -5.87
N PHE C 85 29.09 0.73 -7.07
CA PHE C 85 28.31 1.49 -8.05
C PHE C 85 28.35 0.81 -9.40
N LEU C 86 27.22 0.84 -10.09
CA LEU C 86 27.11 0.41 -11.47
C LEU C 86 26.84 1.60 -12.36
N THR C 87 27.28 1.51 -13.61
CA THR C 87 26.87 2.50 -14.59
C THR C 87 25.41 2.26 -14.98
N ALA C 88 24.79 3.26 -15.60
CA ALA C 88 23.41 3.12 -16.01
C ALA C 88 23.27 2.20 -17.21
N PHE C 89 24.34 2.05 -18.00
CA PHE C 89 24.28 1.17 -19.15
C PHE C 89 24.38 -0.29 -18.73
N GLU C 90 25.28 -0.59 -17.80
CA GLU C 90 25.42 -1.97 -17.36
C GLU C 90 24.35 -2.34 -16.35
N TYR C 91 23.65 -1.36 -15.78
CA TYR C 91 22.45 -1.65 -15.00
C TYR C 91 21.25 -1.93 -15.90
N SER C 92 21.23 -1.36 -17.10
CA SER C 92 20.06 -1.47 -17.97
C SER C 92 19.87 -2.88 -18.51
N GLU C 93 20.97 -3.64 -18.65
CA GLU C 93 20.87 -5.04 -19.00
C GLU C 93 20.61 -5.94 -17.80
N LYS C 94 20.77 -5.42 -16.59
CA LYS C 94 20.29 -6.12 -15.41
C LYS C 94 18.79 -5.93 -15.21
N ARG C 95 18.21 -4.90 -15.84
CA ARG C 95 16.78 -4.65 -15.85
C ARG C 95 16.04 -5.41 -16.95
N LYS C 96 16.62 -6.45 -17.53
CA LYS C 96 15.91 -7.21 -18.55
C LYS C 96 15.08 -8.33 -17.94
N MET C 97 15.29 -8.65 -16.67
CA MET C 97 14.54 -9.72 -16.03
C MET C 97 13.15 -9.28 -15.60
N VAL C 98 12.83 -7.99 -15.72
CA VAL C 98 11.49 -7.51 -15.45
C VAL C 98 10.55 -7.93 -16.58
N PHE C 99 9.38 -8.43 -16.21
CA PHE C 99 8.38 -8.85 -17.18
C PHE C 99 7.18 -7.93 -17.12
N HIS C 100 6.18 -8.25 -17.93
CA HIS C 100 4.94 -7.51 -17.97
C HIS C 100 3.78 -8.48 -18.13
N ILE C 101 2.83 -8.43 -17.21
CA ILE C 101 1.67 -9.31 -17.21
C ILE C 101 0.52 -8.54 -17.84
N THR C 102 0.05 -9.03 -18.98
CA THR C 102 -1.02 -8.35 -19.69
C THR C 102 -2.34 -8.51 -18.96
N THR C 103 -3.23 -7.55 -19.15
CA THR C 103 -4.46 -7.48 -18.38
C THR C 103 -5.63 -8.20 -19.03
N GLY C 104 -5.63 -8.33 -20.35
CA GLY C 104 -6.70 -9.00 -21.06
C GLY C 104 -7.25 -8.22 -22.24
N SER C 105 -7.01 -6.92 -22.32
CA SER C 105 -7.45 -6.11 -23.45
C SER C 105 -6.27 -5.35 -24.01
N GLN C 106 -6.38 -4.96 -25.29
CA GLN C 106 -5.23 -4.42 -26.00
C GLN C 106 -4.98 -2.96 -25.68
N GLU C 107 -6.05 -2.16 -25.55
CA GLU C 107 -5.86 -0.74 -25.26
C GLU C 107 -5.38 -0.51 -23.84
N PHE C 108 -5.74 -1.39 -22.91
CA PHE C 108 -5.34 -1.21 -21.52
C PHE C 108 -3.88 -1.56 -21.31
N ASP C 109 -3.28 -2.34 -22.23
CA ASP C 109 -1.86 -2.64 -22.11
C ASP C 109 -1.01 -1.51 -22.65
N LYS C 110 -1.53 -0.75 -23.62
CA LYS C 110 -0.77 0.37 -24.16
C LYS C 110 -0.68 1.52 -23.18
N LEU C 111 -1.61 1.60 -22.23
CA LEU C 111 -1.51 2.58 -21.15
C LEU C 111 -0.32 2.27 -20.26
N LEU C 112 -0.27 1.04 -19.75
CA LEU C 112 0.76 0.66 -18.80
C LEU C 112 2.10 0.35 -19.46
N GLY C 113 2.15 0.26 -20.78
CA GLY C 113 3.38 -0.03 -21.46
C GLY C 113 3.61 -1.49 -21.74
N GLY C 114 2.58 -2.32 -21.67
CA GLY C 114 2.74 -3.74 -21.91
C GLY C 114 2.09 -4.59 -20.84
N GLY C 115 1.49 -3.95 -19.85
CA GLY C 115 0.83 -4.65 -18.78
C GLY C 115 1.42 -4.27 -17.42
N ILE C 116 1.07 -5.09 -16.43
CA ILE C 116 1.49 -4.81 -15.05
C ILE C 116 2.93 -5.23 -14.86
N GLU C 117 3.77 -4.28 -14.47
CA GLU C 117 5.21 -4.45 -14.38
C GLU C 117 5.58 -5.21 -13.12
N SER C 118 6.69 -5.93 -13.18
CA SER C 118 7.28 -6.55 -12.00
C SER C 118 8.20 -5.57 -11.31
N MET C 119 8.65 -5.96 -10.11
CA MET C 119 9.50 -5.16 -9.23
C MET C 119 8.89 -3.80 -8.92
N ALA C 120 7.58 -3.77 -8.70
CA ALA C 120 6.86 -2.52 -8.49
C ALA C 120 5.54 -2.82 -7.79
N ILE C 121 4.85 -1.76 -7.40
CA ILE C 121 3.53 -1.84 -6.77
C ILE C 121 2.56 -1.05 -7.62
N THR C 122 1.62 -1.74 -8.26
CA THR C 122 0.61 -1.11 -9.09
C THR C 122 -0.72 -1.11 -8.34
N GLU C 123 -1.30 0.07 -8.17
CA GLU C 123 -2.52 0.24 -7.41
C GLU C 123 -3.60 0.78 -8.30
N ALA C 124 -4.75 0.13 -8.32
CA ALA C 124 -5.88 0.51 -9.16
C ALA C 124 -7.10 0.74 -8.28
N PHE C 125 -7.46 2.00 -8.08
CA PHE C 125 -8.59 2.35 -7.24
C PHE C 125 -9.80 2.69 -8.11
N GLY C 126 -10.98 2.52 -7.54
CA GLY C 126 -12.21 2.76 -8.27
C GLY C 126 -13.30 3.14 -7.31
N GLU C 127 -14.43 3.55 -7.86
CA GLU C 127 -15.47 4.11 -6.99
C GLU C 127 -16.33 3.03 -6.35
N PHE C 128 -17.18 2.37 -7.13
CA PHE C 128 -18.17 1.52 -6.48
C PHE C 128 -18.38 0.20 -7.21
N ARG C 129 -18.45 0.20 -8.54
CA ARG C 129 -18.71 -1.02 -9.29
C ARG C 129 -17.81 -1.12 -10.51
N THR C 130 -16.69 -0.43 -10.51
CA THR C 130 -15.90 -0.17 -11.69
C THR C 130 -14.95 -1.31 -12.05
N GLY C 131 -15.15 -2.50 -11.53
CA GLY C 131 -14.37 -3.65 -11.94
C GLY C 131 -12.97 -3.72 -11.36
N LYS C 132 -12.88 -3.86 -10.04
CA LYS C 132 -11.60 -4.06 -9.38
C LYS C 132 -11.38 -5.50 -8.91
N THR C 133 -12.44 -6.22 -8.60
CA THR C 133 -12.35 -7.65 -8.41
C THR C 133 -12.67 -8.41 -9.68
N GLN C 134 -13.09 -7.69 -10.74
CA GLN C 134 -13.13 -8.27 -12.07
C GLN C 134 -11.77 -8.21 -12.74
N LEU C 135 -10.98 -7.18 -12.40
CA LEU C 135 -9.62 -7.10 -12.86
C LEU C 135 -8.69 -8.06 -12.13
N SER C 136 -8.97 -8.33 -10.86
CA SER C 136 -8.10 -9.25 -10.13
C SER C 136 -8.45 -10.70 -10.44
N HIS C 137 -9.65 -10.96 -10.96
CA HIS C 137 -9.99 -12.31 -11.38
C HIS C 137 -9.44 -12.62 -12.76
N THR C 138 -9.25 -11.61 -13.61
CA THR C 138 -8.67 -11.85 -14.92
C THR C 138 -7.18 -12.12 -14.82
N LEU C 139 -6.50 -11.48 -13.87
CA LEU C 139 -5.07 -11.70 -13.68
C LEU C 139 -4.78 -13.07 -13.07
N CYS C 140 -5.76 -13.70 -12.44
CA CYS C 140 -5.56 -15.05 -11.93
C CYS C 140 -5.54 -16.09 -13.05
N VAL C 141 -5.98 -15.72 -14.25
CA VAL C 141 -5.91 -16.59 -15.41
C VAL C 141 -4.84 -16.14 -16.39
N THR C 142 -4.71 -14.84 -16.60
CA THR C 142 -3.81 -14.32 -17.62
C THR C 142 -2.35 -14.46 -17.22
N ALA C 143 -2.05 -14.49 -15.92
CA ALA C 143 -0.66 -14.66 -15.50
C ALA C 143 -0.21 -16.11 -15.49
N GLN C 144 -1.03 -17.04 -15.96
CA GLN C 144 -0.65 -18.43 -16.15
C GLN C 144 -0.42 -18.80 -17.60
N LEU C 145 -0.52 -17.85 -18.51
CA LEU C 145 -0.42 -18.12 -19.93
C LEU C 145 0.86 -17.55 -20.49
N PRO C 146 1.52 -18.24 -21.43
CA PRO C 146 2.71 -17.67 -22.07
C PRO C 146 2.34 -16.50 -22.96
N GLY C 147 3.12 -15.43 -22.85
CA GLY C 147 2.77 -14.20 -23.54
C GLY C 147 3.92 -13.45 -24.16
N ALA C 148 3.86 -12.12 -24.11
CA ALA C 148 4.84 -11.28 -24.77
C ALA C 148 6.12 -11.18 -23.97
N GLY C 149 7.23 -10.97 -24.68
CA GLY C 149 8.52 -10.86 -24.04
C GLY C 149 9.08 -12.15 -23.51
N GLY C 150 8.54 -13.29 -23.90
CA GLY C 150 8.99 -14.57 -23.39
C GLY C 150 8.54 -14.88 -21.98
N TYR C 151 7.51 -14.19 -21.49
CA TYR C 151 6.98 -14.42 -20.15
C TYR C 151 6.31 -15.79 -20.08
N PRO C 152 6.81 -16.70 -19.25
CA PRO C 152 6.30 -18.07 -19.27
C PRO C 152 5.05 -18.35 -18.44
N GLY C 153 4.74 -17.52 -17.44
CA GLY C 153 3.58 -17.77 -16.61
C GLY C 153 3.86 -18.69 -15.44
N GLY C 154 3.17 -18.48 -14.33
CA GLY C 154 3.40 -19.26 -13.14
C GLY C 154 2.25 -19.16 -12.18
N LYS C 155 2.51 -19.53 -10.93
CA LYS C 155 1.47 -19.59 -9.92
C LYS C 155 1.17 -18.19 -9.38
N ILE C 156 0.11 -18.09 -8.57
CA ILE C 156 -0.47 -16.81 -8.16
C ILE C 156 -0.93 -16.93 -6.71
N ILE C 157 -0.66 -15.92 -5.90
CA ILE C 157 -1.13 -15.84 -4.52
C ILE C 157 -2.17 -14.72 -4.41
N PHE C 158 -3.31 -15.02 -3.81
CA PHE C 158 -4.45 -14.09 -3.74
C PHE C 158 -4.83 -13.91 -2.27
N ILE C 159 -4.42 -12.80 -1.67
CA ILE C 159 -4.85 -12.45 -0.32
C ILE C 159 -6.16 -11.69 -0.40
N ASP C 160 -7.16 -12.16 0.32
CA ASP C 160 -8.50 -11.59 0.26
C ASP C 160 -8.80 -10.75 1.48
N THR C 161 -9.64 -9.74 1.29
CA THR C 161 -10.03 -8.86 2.38
C THR C 161 -11.53 -8.62 2.47
N GLU C 162 -12.26 -8.66 1.36
CA GLU C 162 -13.68 -8.36 1.36
C GLU C 162 -14.57 -9.59 1.31
N ASN C 163 -13.99 -10.80 1.25
CA ASN C 163 -14.68 -12.06 0.95
C ASN C 163 -15.47 -11.95 -0.35
N THR C 164 -14.74 -11.72 -1.44
CA THR C 164 -15.35 -11.65 -2.77
C THR C 164 -14.55 -12.43 -3.80
N PHE C 165 -13.88 -13.50 -3.40
CA PHE C 165 -13.22 -14.38 -4.37
C PHE C 165 -14.14 -15.52 -4.71
N ARG C 166 -14.46 -15.66 -5.99
CA ARG C 166 -15.37 -16.72 -6.42
C ARG C 166 -14.64 -17.68 -7.34
N PRO C 167 -14.49 -18.94 -6.93
CA PRO C 167 -13.72 -19.89 -7.76
C PRO C 167 -14.42 -20.26 -9.05
N ASP C 168 -15.75 -20.34 -9.05
CA ASP C 168 -16.48 -20.64 -10.27
C ASP C 168 -16.64 -19.42 -11.18
N ARG C 169 -16.17 -18.25 -10.76
CA ARG C 169 -16.01 -17.12 -11.66
C ARG C 169 -14.74 -17.23 -12.47
N LEU C 170 -13.74 -17.95 -11.96
CA LEU C 170 -12.53 -18.22 -12.73
C LEU C 170 -12.77 -19.24 -13.83
N ARG C 171 -13.84 -20.02 -13.75
CA ARG C 171 -14.15 -20.96 -14.81
C ARG C 171 -14.69 -20.23 -16.04
N ASP C 172 -15.46 -19.16 -15.83
CA ASP C 172 -16.01 -18.40 -16.96
C ASP C 172 -14.92 -17.69 -17.75
N ILE C 173 -13.81 -17.37 -17.09
CA ILE C 173 -12.70 -16.73 -17.76
C ILE C 173 -11.73 -17.76 -18.37
N ALA C 174 -11.68 -18.96 -17.79
CA ALA C 174 -10.74 -19.96 -18.28
C ALA C 174 -11.17 -20.56 -19.61
N ASP C 175 -12.46 -20.50 -19.94
CA ASP C 175 -12.89 -20.99 -21.24
C ASP C 175 -12.71 -19.97 -22.35
N ARG C 176 -12.50 -18.70 -21.99
CA ARG C 176 -12.22 -17.71 -23.02
C ARG C 176 -10.81 -17.89 -23.58
N PHE C 177 -9.86 -18.26 -22.74
CA PHE C 177 -8.50 -18.52 -23.18
C PHE C 177 -8.24 -20.00 -23.48
N ASN C 178 -9.28 -20.83 -23.39
CA ASN C 178 -9.27 -22.25 -23.76
C ASN C 178 -8.25 -23.04 -22.92
N VAL C 179 -8.36 -22.91 -21.60
CA VAL C 179 -7.51 -23.61 -20.66
C VAL C 179 -8.41 -24.49 -19.81
N ASP C 180 -7.91 -25.68 -19.44
CA ASP C 180 -8.70 -26.64 -18.68
C ASP C 180 -8.99 -26.13 -17.28
N HIS C 181 -9.97 -26.75 -16.62
CA HIS C 181 -10.50 -26.22 -15.37
C HIS C 181 -9.53 -26.50 -14.23
N ASP C 182 -8.94 -27.70 -14.22
CA ASP C 182 -8.15 -28.13 -13.07
C ASP C 182 -6.79 -27.42 -13.02
N ALA C 183 -6.24 -27.05 -14.16
CA ALA C 183 -4.94 -26.42 -14.17
C ALA C 183 -5.02 -24.98 -13.71
N VAL C 184 -6.20 -24.37 -13.85
CA VAL C 184 -6.35 -22.98 -13.45
C VAL C 184 -6.48 -22.88 -11.94
N LEU C 185 -7.31 -23.73 -11.35
CA LEU C 185 -7.62 -23.59 -9.93
C LEU C 185 -6.53 -24.16 -9.03
N ASP C 186 -5.67 -25.03 -9.53
CA ASP C 186 -4.62 -25.58 -8.68
C ASP C 186 -3.36 -24.73 -8.66
N ASN C 187 -3.30 -23.69 -9.47
CA ASN C 187 -2.15 -22.79 -9.50
C ASN C 187 -2.48 -21.44 -8.88
N VAL C 188 -3.53 -21.38 -8.06
CA VAL C 188 -3.93 -20.16 -7.40
C VAL C 188 -4.06 -20.45 -5.91
N LEU C 189 -3.14 -19.93 -5.12
CA LEU C 189 -3.27 -20.04 -3.67
C LEU C 189 -4.25 -18.99 -3.17
N TYR C 190 -4.73 -19.17 -1.95
CA TYR C 190 -5.77 -18.29 -1.42
C TYR C 190 -5.73 -18.30 0.09
N ALA C 191 -5.92 -17.13 0.69
CA ALA C 191 -6.06 -17.01 2.13
C ALA C 191 -6.83 -15.73 2.43
N ARG C 192 -7.77 -15.80 3.34
CA ARG C 192 -8.53 -14.63 3.74
C ARG C 192 -7.95 -14.04 5.02
N ALA C 193 -7.68 -12.75 4.99
CA ALA C 193 -7.23 -12.03 6.17
C ALA C 193 -8.44 -11.53 6.93
N TYR C 194 -8.55 -11.92 8.20
CA TYR C 194 -9.74 -11.60 8.96
C TYR C 194 -9.66 -10.25 9.65
N THR C 195 -8.46 -9.81 10.02
CA THR C 195 -8.28 -8.49 10.61
C THR C 195 -6.95 -7.93 10.11
N SER C 196 -6.62 -6.73 10.56
CA SER C 196 -5.44 -6.03 10.04
C SER C 196 -4.14 -6.57 10.61
N GLU C 197 -4.19 -7.45 11.61
CA GLU C 197 -3.00 -8.17 12.05
C GLU C 197 -2.69 -9.35 11.16
N HIS C 198 -3.72 -9.95 10.56
CA HIS C 198 -3.51 -11.03 9.61
C HIS C 198 -2.87 -10.55 8.32
N GLN C 199 -3.06 -9.28 7.98
CA GLN C 199 -2.45 -8.78 6.76
C GLN C 199 -0.93 -8.66 6.91
N MET C 200 -0.44 -8.53 8.14
CA MET C 200 0.99 -8.57 8.39
C MET C 200 1.46 -9.94 8.83
N GLU C 201 0.55 -10.76 9.36
CA GLU C 201 0.89 -12.15 9.64
C GLU C 201 1.08 -12.96 8.37
N LEU C 202 0.22 -12.75 7.37
CA LEU C 202 0.25 -13.59 6.18
C LEU C 202 1.45 -13.31 5.31
N LEU C 203 2.07 -12.14 5.43
CA LEU C 203 3.23 -11.84 4.61
C LEU C 203 4.48 -12.58 5.05
N ASP C 204 4.45 -13.27 6.19
CA ASP C 204 5.51 -14.22 6.51
C ASP C 204 5.35 -15.50 5.72
N TYR C 205 4.11 -15.94 5.50
CA TYR C 205 3.87 -17.16 4.75
C TYR C 205 4.00 -16.95 3.25
N VAL C 206 3.86 -15.72 2.78
CA VAL C 206 4.10 -15.44 1.36
C VAL C 206 5.60 -15.47 1.07
N ALA C 207 6.41 -14.95 1.99
CA ALA C 207 7.85 -14.97 1.80
C ALA C 207 8.41 -16.39 1.90
N ALA C 208 7.77 -17.25 2.69
CA ALA C 208 8.21 -18.63 2.77
C ALA C 208 7.76 -19.43 1.56
N LYS C 209 6.60 -19.07 0.99
CA LYS C 209 6.09 -19.79 -0.18
C LYS C 209 6.89 -19.43 -1.43
N PHE C 210 7.36 -18.19 -1.51
CA PHE C 210 8.19 -17.78 -2.64
C PHE C 210 9.57 -18.41 -2.54
N HIS C 211 10.01 -18.74 -1.33
CA HIS C 211 11.37 -19.17 -1.10
C HIS C 211 11.57 -20.63 -1.49
N GLU C 212 10.54 -21.47 -1.34
CA GLU C 212 10.70 -22.89 -1.63
C GLU C 212 10.78 -23.16 -3.13
N GLU C 213 9.71 -22.89 -3.87
CA GLU C 213 9.78 -23.05 -5.33
C GLU C 213 10.40 -21.78 -5.90
N ALA C 214 11.71 -21.83 -6.09
CA ALA C 214 12.49 -20.66 -6.49
C ALA C 214 12.25 -20.35 -7.95
N GLY C 215 11.35 -19.40 -8.20
CA GLY C 215 11.17 -18.88 -9.53
C GLY C 215 9.86 -19.27 -10.18
N ILE C 216 8.97 -19.90 -9.43
CA ILE C 216 7.70 -20.36 -10.00
C ILE C 216 6.60 -19.31 -9.87
N PHE C 217 6.45 -18.69 -8.70
CA PHE C 217 5.41 -17.71 -8.49
C PHE C 217 5.74 -16.42 -9.23
N LYS C 218 4.69 -15.77 -9.76
CA LYS C 218 4.87 -14.57 -10.56
C LYS C 218 4.09 -13.37 -10.02
N LEU C 219 2.93 -13.59 -9.43
CA LEU C 219 2.03 -12.50 -9.08
C LEU C 219 1.58 -12.62 -7.62
N LEU C 220 1.42 -11.46 -6.99
CA LEU C 220 0.84 -11.38 -5.65
C LEU C 220 -0.28 -10.35 -5.72
N ILE C 221 -1.52 -10.81 -5.64
CA ILE C 221 -2.69 -9.94 -5.71
C ILE C 221 -3.26 -9.82 -4.31
N ILE C 222 -3.32 -8.60 -3.80
CA ILE C 222 -4.09 -8.30 -2.61
C ILE C 222 -5.33 -7.56 -3.05
N ASP C 223 -6.46 -7.86 -2.41
CA ASP C 223 -7.64 -7.00 -2.53
C ASP C 223 -7.47 -5.80 -1.60
N SER C 224 -8.57 -5.12 -1.29
CA SER C 224 -8.53 -3.76 -0.75
C SER C 224 -7.76 -3.70 0.55
N ILE C 225 -6.56 -3.10 0.49
CA ILE C 225 -5.65 -3.14 1.63
C ILE C 225 -6.13 -2.21 2.73
N MET C 226 -6.93 -1.21 2.38
CA MET C 226 -7.50 -0.31 3.35
C MET C 226 -8.90 -0.70 3.78
N ALA C 227 -9.39 -1.87 3.37
CA ALA C 227 -10.72 -2.28 3.78
C ALA C 227 -10.75 -2.71 5.24
N LEU C 228 -9.60 -3.07 5.80
CA LEU C 228 -9.52 -3.44 7.21
C LEU C 228 -8.90 -2.36 8.07
N PHE C 229 -8.20 -1.40 7.47
CA PHE C 229 -7.65 -0.30 8.26
C PHE C 229 -8.69 0.77 8.56
N ARG C 230 -9.77 0.84 7.81
CA ARG C 230 -10.80 1.84 8.07
C ARG C 230 -11.57 1.53 9.35
N VAL C 231 -11.81 0.25 9.61
CA VAL C 231 -12.68 -0.14 10.71
C VAL C 231 -11.94 -0.47 11.99
N ASP C 232 -10.63 -0.72 11.91
CA ASP C 232 -9.86 -1.09 13.10
C ASP C 232 -9.20 0.11 13.77
N PHE C 233 -9.16 1.25 13.10
CA PHE C 233 -8.50 2.45 13.59
C PHE C 233 -9.38 3.66 13.38
N SER C 234 -10.65 3.57 13.79
CA SER C 234 -11.58 4.67 13.57
C SER C 234 -11.32 5.80 14.54
N GLY C 235 -11.55 7.02 14.05
CA GLY C 235 -11.37 8.22 14.84
C GLY C 235 -10.19 9.04 14.34
N ARG C 236 -9.92 10.13 15.07
CA ARG C 236 -8.73 10.93 14.83
C ARG C 236 -7.65 10.70 15.88
N GLY C 237 -8.01 10.14 17.04
CA GLY C 237 -7.00 9.79 18.02
C GLY C 237 -6.18 8.58 17.63
N GLU C 238 -6.63 7.83 16.64
CA GLU C 238 -5.91 6.66 16.14
C GLU C 238 -5.45 6.82 14.71
N LEU C 239 -5.42 8.05 14.19
CA LEU C 239 -4.92 8.27 12.84
C LEU C 239 -3.41 8.12 12.77
N ALA C 240 -2.71 8.49 13.84
CA ALA C 240 -1.25 8.41 13.82
C ALA C 240 -0.76 6.97 13.87
N GLU C 241 -1.46 6.10 14.60
CA GLU C 241 -1.09 4.70 14.57
C GLU C 241 -1.50 4.01 13.28
N ARG C 242 -2.56 4.46 12.63
CA ARG C 242 -3.02 3.77 11.43
C ARG C 242 -2.04 3.95 10.28
N GLN C 243 -1.53 5.17 10.11
CA GLN C 243 -0.57 5.43 9.06
C GLN C 243 0.84 4.97 9.40
N GLN C 244 1.07 4.49 10.62
CA GLN C 244 2.35 3.89 10.98
C GLN C 244 2.35 2.38 10.89
N LYS C 245 1.21 1.72 11.14
CA LYS C 245 1.11 0.31 10.84
C LYS C 245 0.95 0.04 9.36
N LEU C 246 0.50 1.05 8.59
CA LEU C 246 0.35 0.89 7.16
C LEU C 246 1.68 1.08 6.43
N ALA C 247 2.52 1.99 6.91
CA ALA C 247 3.79 2.25 6.25
C ALA C 247 4.77 1.10 6.43
N GLN C 248 4.68 0.38 7.54
CA GLN C 248 5.51 -0.80 7.74
C GLN C 248 5.05 -1.96 6.88
N MET C 249 3.83 -1.93 6.37
CA MET C 249 3.35 -2.98 5.49
C MET C 249 3.75 -2.73 4.05
N LEU C 250 3.67 -1.48 3.61
CA LEU C 250 4.03 -1.16 2.23
C LEU C 250 5.51 -1.25 1.98
N SER C 251 6.34 -1.03 3.00
CA SER C 251 7.78 -1.22 2.82
C SER C 251 8.12 -2.70 2.78
N ARG C 252 7.31 -3.54 3.41
CA ARG C 252 7.50 -4.97 3.32
C ARG C 252 7.08 -5.50 1.95
N LEU C 253 6.04 -4.91 1.35
CA LEU C 253 5.60 -5.35 0.03
C LEU C 253 6.59 -4.93 -1.04
N GLN C 254 7.25 -3.79 -0.87
CA GLN C 254 8.27 -3.37 -1.81
C GLN C 254 9.52 -4.23 -1.70
N LYS C 255 9.84 -4.70 -0.50
CA LYS C 255 11.03 -5.54 -0.32
C LYS C 255 10.82 -6.94 -0.86
N ILE C 256 9.64 -7.51 -0.67
CA ILE C 256 9.32 -8.85 -1.20
C ILE C 256 9.31 -8.83 -2.72
N SER C 257 8.86 -7.71 -3.31
CA SER C 257 8.75 -7.62 -4.76
C SER C 257 10.09 -7.51 -5.46
N GLU C 258 11.16 -7.19 -4.74
CA GLU C 258 12.51 -7.17 -5.30
C GLU C 258 13.36 -8.34 -4.84
N GLU C 259 13.02 -8.94 -3.69
CA GLU C 259 13.78 -10.07 -3.19
C GLU C 259 13.51 -11.32 -4.01
N TYR C 260 12.32 -11.43 -4.59
CA TYR C 260 11.93 -12.63 -5.30
C TYR C 260 11.41 -12.38 -6.71
N ASN C 261 11.40 -11.12 -7.17
CA ASN C 261 11.05 -10.71 -8.54
C ASN C 261 9.62 -11.14 -8.91
N VAL C 262 8.66 -10.58 -8.18
CA VAL C 262 7.24 -10.78 -8.48
C VAL C 262 6.61 -9.41 -8.71
N ALA C 263 5.34 -9.42 -9.10
CA ALA C 263 4.57 -8.21 -9.31
C ALA C 263 3.47 -8.12 -8.27
N VAL C 264 3.24 -6.92 -7.75
CA VAL C 264 2.25 -6.69 -6.71
C VAL C 264 1.14 -5.84 -7.28
N PHE C 265 -0.10 -6.30 -7.12
CA PHE C 265 -1.29 -5.57 -7.56
C PHE C 265 -2.18 -5.34 -6.35
N VAL C 266 -2.67 -4.11 -6.20
CA VAL C 266 -3.34 -3.67 -4.98
C VAL C 266 -4.59 -2.89 -5.35
N THR C 267 -5.71 -3.26 -4.74
CA THR C 267 -7.00 -2.62 -4.96
C THR C 267 -7.23 -1.60 -3.85
N ASN C 268 -7.84 -0.46 -4.17
CA ASN C 268 -8.12 0.56 -3.18
C ASN C 268 -9.56 1.06 -3.30
N GLN C 269 -10.06 1.66 -2.22
CA GLN C 269 -11.41 2.21 -2.13
C GLN C 269 -11.36 3.72 -2.24
N MET C 270 -12.50 4.38 -2.05
CA MET C 270 -12.59 5.83 -2.21
C MET C 270 -13.47 6.43 -1.13
N THR C 271 -13.22 7.71 -0.84
CA THR C 271 -14.07 8.51 0.04
C THR C 271 -14.53 9.75 -0.71
N ALA C 272 -15.43 10.50 -0.09
CA ALA C 272 -15.84 11.76 -0.68
C ALA C 272 -14.89 12.87 -0.27
N ASP C 273 -15.23 14.10 -0.65
CA ASP C 273 -14.41 15.27 -0.35
C ASP C 273 -15.30 16.49 -0.31
N PRO C 274 -15.87 16.82 0.85
CA PRO C 274 -16.73 18.01 0.92
C PRO C 274 -15.96 19.31 0.84
N GLY C 275 -14.83 19.42 1.52
CA GLY C 275 -14.07 20.65 1.55
C GLY C 275 -14.34 21.49 2.78
N PRO C 284 -17.11 14.60 -6.41
CA PRO C 284 -15.73 14.80 -5.97
C PRO C 284 -15.26 13.71 -5.02
N LYS C 285 -14.49 12.77 -5.53
CA LYS C 285 -13.98 11.66 -4.74
C LYS C 285 -12.50 11.86 -4.46
N LYS C 286 -11.94 10.96 -3.66
CA LYS C 286 -10.55 10.94 -3.27
C LYS C 286 -10.25 9.56 -2.71
N PRO C 287 -9.10 8.97 -3.05
CA PRO C 287 -8.79 7.63 -2.55
C PRO C 287 -8.49 7.62 -1.06
N ILE C 288 -8.94 6.55 -0.41
CA ILE C 288 -8.62 6.28 0.99
C ILE C 288 -7.12 5.99 1.11
N GLY C 289 -6.54 6.36 2.25
CA GLY C 289 -5.12 6.26 2.42
C GLY C 289 -4.47 7.57 2.07
N GLY C 290 -3.64 8.10 2.96
CA GLY C 290 -3.16 9.45 2.79
C GLY C 290 -2.00 9.61 1.84
N HIS C 291 -1.00 10.38 2.23
CA HIS C 291 0.17 10.56 1.39
C HIS C 291 1.12 9.37 1.47
N ILE C 292 0.94 8.50 2.46
CA ILE C 292 1.82 7.35 2.60
C ILE C 292 1.55 6.31 1.55
N LEU C 293 0.29 6.00 1.28
CA LEU C 293 -0.06 5.11 0.19
C LEU C 293 0.19 5.76 -1.16
N ALA C 294 0.11 7.08 -1.24
CA ALA C 294 0.28 7.76 -2.52
C ALA C 294 1.74 7.83 -2.94
N HIS C 295 2.66 7.82 -1.98
CA HIS C 295 4.07 7.90 -2.32
C HIS C 295 4.67 6.52 -2.58
N ALA C 296 4.25 5.52 -1.82
CA ALA C 296 4.83 4.20 -1.96
C ALA C 296 4.36 3.48 -3.22
N SER C 297 3.21 3.87 -3.76
CA SER C 297 2.70 3.25 -4.97
C SER C 297 3.45 3.77 -6.18
N THR C 298 3.70 2.88 -7.14
CA THR C 298 4.42 3.26 -8.34
C THR C 298 3.48 3.67 -9.46
N THR C 299 2.46 2.87 -9.74
CA THR C 299 1.49 3.16 -10.78
C THR C 299 0.11 3.31 -10.14
N ARG C 300 -0.65 4.31 -10.60
CA ARG C 300 -1.96 4.58 -10.06
C ARG C 300 -2.95 4.65 -11.22
N ILE C 301 -3.98 3.81 -11.16
CA ILE C 301 -5.03 3.76 -12.17
C ILE C 301 -6.35 4.08 -11.49
N SER C 302 -7.19 4.86 -12.16
CA SER C 302 -8.56 5.07 -11.73
C SER C 302 -9.51 4.45 -12.73
N LEU C 303 -10.46 3.69 -12.23
CA LEU C 303 -11.51 3.14 -13.06
C LEU C 303 -12.81 3.91 -12.84
N ARG C 304 -13.37 4.45 -13.91
CA ARG C 304 -14.65 5.13 -13.88
C ARG C 304 -15.66 4.32 -14.67
N LYS C 305 -16.94 4.67 -14.53
CA LYS C 305 -17.98 3.99 -15.27
C LYS C 305 -18.49 4.87 -16.40
N GLY C 306 -18.64 4.27 -17.58
CA GLY C 306 -19.15 4.98 -18.73
C GLY C 306 -20.40 4.35 -19.30
N ARG C 307 -20.40 4.19 -20.61
CA ARG C 307 -21.54 3.73 -21.39
C ARG C 307 -21.83 2.27 -21.05
N GLY C 308 -22.81 2.05 -20.17
CA GLY C 308 -23.29 0.69 -19.94
C GLY C 308 -22.31 -0.24 -19.27
N GLU C 309 -21.73 -1.17 -20.05
CA GLU C 309 -20.73 -2.09 -19.56
C GLU C 309 -19.31 -1.66 -19.89
N LEU C 310 -19.13 -0.42 -20.34
CA LEU C 310 -17.80 0.09 -20.62
C LEU C 310 -17.28 0.88 -19.43
N ARG C 311 -16.02 0.67 -19.10
CA ARG C 311 -15.36 1.42 -18.05
C ARG C 311 -14.25 2.26 -18.68
N ILE C 312 -13.72 3.20 -17.92
CA ILE C 312 -12.74 4.16 -18.43
C ILE C 312 -11.57 4.17 -17.46
N ALA C 313 -10.38 3.81 -17.95
CA ALA C 313 -9.19 3.76 -17.12
C ALA C 313 -8.26 4.92 -17.45
N LYS C 314 -7.61 5.45 -16.42
CA LYS C 314 -6.78 6.63 -16.56
C LYS C 314 -5.62 6.58 -15.59
N ILE C 315 -4.42 6.90 -16.08
CA ILE C 315 -3.20 6.88 -15.30
C ILE C 315 -3.07 8.21 -14.57
N TYR C 316 -2.92 8.16 -13.25
CA TYR C 316 -2.47 9.32 -12.50
C TYR C 316 -0.96 9.39 -12.37
N ASP C 317 -0.37 8.42 -11.67
CA ASP C 317 1.03 8.45 -11.29
C ASP C 317 1.71 7.29 -11.98
N SER C 318 2.84 7.57 -12.64
CA SER C 318 3.68 6.56 -13.27
C SER C 318 5.01 7.21 -13.54
N PRO C 319 6.13 6.51 -13.33
CA PRO C 319 7.43 7.13 -13.59
C PRO C 319 7.75 7.30 -15.06
N GLU C 320 7.05 6.59 -15.95
CA GLU C 320 7.40 6.65 -17.36
C GLU C 320 6.20 6.86 -18.30
N MET C 321 4.98 6.46 -17.89
CA MET C 321 3.91 6.57 -18.86
C MET C 321 3.12 7.86 -18.66
N PRO C 322 2.66 8.50 -19.73
CA PRO C 322 1.90 9.75 -19.58
C PRO C 322 0.43 9.51 -19.28
N GLU C 323 -0.26 10.61 -18.95
CA GLU C 323 -1.66 10.53 -18.58
C GLU C 323 -2.54 10.36 -19.81
N ASN C 324 -3.13 9.19 -19.95
CA ASN C 324 -3.96 8.89 -21.12
C ASN C 324 -5.12 8.03 -20.65
N GLU C 325 -6.09 7.84 -21.54
CA GLU C 325 -7.31 7.11 -21.21
C GLU C 325 -7.54 5.98 -22.19
N ALA C 326 -8.35 5.02 -21.76
CA ALA C 326 -8.73 3.86 -22.57
C ALA C 326 -10.14 3.46 -22.18
N THR C 327 -10.61 2.32 -22.70
CA THR C 327 -11.95 1.82 -22.43
C THR C 327 -11.90 0.31 -22.24
N PHE C 328 -12.68 -0.19 -21.29
CA PHE C 328 -12.78 -1.60 -20.98
C PHE C 328 -14.00 -2.20 -21.66
N ALA C 329 -14.26 -3.46 -21.32
CA ALA C 329 -15.59 -4.05 -21.45
C ALA C 329 -15.62 -5.22 -20.48
N ILE C 330 -16.32 -5.08 -19.38
CA ILE C 330 -16.47 -6.20 -18.45
C ILE C 330 -17.49 -7.16 -19.04
N THR C 331 -17.01 -8.19 -19.71
CA THR C 331 -17.86 -9.18 -20.34
C THR C 331 -17.99 -10.38 -19.41
N ALA C 332 -18.61 -11.45 -19.92
CA ALA C 332 -18.74 -12.67 -19.15
C ALA C 332 -17.45 -13.46 -19.05
N GLY C 333 -16.42 -13.08 -19.78
CA GLY C 333 -15.15 -13.76 -19.70
C GLY C 333 -14.04 -12.87 -19.20
N GLY C 334 -14.37 -11.94 -18.31
CA GLY C 334 -13.37 -11.05 -17.76
C GLY C 334 -13.35 -9.70 -18.43
N ILE C 335 -12.19 -9.13 -18.62
CA ILE C 335 -12.04 -7.83 -19.25
C ILE C 335 -11.67 -8.00 -20.70
N GLY C 336 -12.39 -7.32 -21.58
CA GLY C 336 -12.17 -7.40 -23.02
C GLY C 336 -12.19 -6.02 -23.62
N ASP C 337 -12.60 -5.95 -24.89
CA ASP C 337 -12.54 -4.70 -25.63
C ASP C 337 -13.93 -4.22 -26.07
N GLN D 22 -16.89 -25.99 18.11
CA GLN D 22 -16.11 -24.78 17.86
C GLN D 22 -16.15 -23.83 19.05
N ASP D 23 -16.38 -24.39 20.25
CA ASP D 23 -16.43 -23.60 21.46
C ASP D 23 -15.02 -23.28 21.97
N ILE D 24 -14.99 -22.47 23.03
CA ILE D 24 -13.75 -21.88 23.52
C ILE D 24 -13.13 -22.71 24.64
N ASP D 25 -13.73 -23.85 24.99
CA ASP D 25 -13.20 -24.69 26.06
C ASP D 25 -11.97 -25.46 25.62
N LEU D 26 -11.62 -25.43 24.33
CA LEU D 26 -10.49 -26.18 23.82
C LEU D 26 -9.15 -25.51 24.13
N LEU D 27 -9.15 -24.38 24.85
CA LEU D 27 -7.91 -23.67 25.14
C LEU D 27 -7.45 -23.86 26.58
N GLN D 28 -8.36 -24.22 27.50
CA GLN D 28 -7.93 -24.51 28.86
C GLN D 28 -7.10 -25.79 28.94
N LYS D 29 -7.21 -26.67 27.94
CA LYS D 29 -6.27 -27.79 27.82
C LYS D 29 -4.96 -27.37 27.19
N HIS D 30 -4.82 -26.11 26.78
CA HIS D 30 -3.54 -25.56 26.34
C HIS D 30 -2.91 -24.66 27.40
N GLY D 31 -3.10 -24.99 28.67
CA GLY D 31 -2.47 -24.28 29.75
C GLY D 31 -3.13 -22.99 30.17
N ILE D 32 -4.22 -22.61 29.53
CA ILE D 32 -4.90 -21.36 29.87
C ILE D 32 -5.75 -21.60 31.12
N ASN D 33 -5.73 -20.63 32.02
CA ASN D 33 -6.60 -20.63 33.19
C ASN D 33 -8.06 -20.63 32.74
N VAL D 34 -8.90 -21.25 33.57
CA VAL D 34 -10.34 -21.22 33.28
C VAL D 34 -10.94 -19.87 33.65
N ALA D 35 -10.23 -19.05 34.43
CA ALA D 35 -10.74 -17.72 34.77
C ALA D 35 -10.63 -16.78 33.58
N ASP D 36 -9.72 -17.06 32.66
CA ASP D 36 -9.62 -16.29 31.43
C ASP D 36 -10.74 -16.64 30.46
N ILE D 37 -11.38 -17.79 30.64
CA ILE D 37 -12.46 -18.20 29.74
C ILE D 37 -13.71 -17.37 30.00
N LYS D 38 -13.98 -17.04 31.26
CA LYS D 38 -15.17 -16.26 31.58
C LYS D 38 -15.03 -14.79 31.19
N LYS D 39 -13.82 -14.24 31.27
CA LYS D 39 -13.65 -12.83 30.90
C LYS D 39 -13.66 -12.65 29.39
N LEU D 40 -13.37 -13.71 28.62
CA LEU D 40 -13.52 -13.63 27.18
C LEU D 40 -14.99 -13.71 26.79
N LYS D 41 -15.81 -14.37 27.61
CA LYS D 41 -17.24 -14.39 27.35
C LYS D 41 -17.93 -13.10 27.81
N SER D 42 -17.29 -12.33 28.69
CA SER D 42 -17.87 -11.07 29.14
C SER D 42 -17.83 -9.98 28.09
N VAL D 43 -16.99 -10.13 27.06
CA VAL D 43 -16.91 -9.17 25.97
C VAL D 43 -17.57 -9.68 24.70
N GLY D 44 -18.09 -10.90 24.70
CA GLY D 44 -18.84 -11.41 23.58
C GLY D 44 -18.12 -12.38 22.67
N ILE D 45 -17.11 -13.08 23.17
CA ILE D 45 -16.36 -14.04 22.37
C ILE D 45 -16.72 -15.44 22.86
N CYS D 46 -17.36 -16.22 22.00
CA CYS D 46 -17.77 -17.58 22.33
C CYS D 46 -17.10 -18.64 21.48
N THR D 47 -16.81 -18.34 20.22
CA THR D 47 -16.24 -19.30 19.29
C THR D 47 -14.76 -18.99 19.03
N ILE D 48 -14.06 -19.95 18.42
CA ILE D 48 -12.64 -19.79 18.19
C ILE D 48 -12.37 -18.79 17.06
N LYS D 49 -13.33 -18.59 16.15
CA LYS D 49 -13.18 -17.58 15.11
C LYS D 49 -13.36 -16.17 15.65
N GLY D 50 -13.97 -16.02 16.82
CA GLY D 50 -14.04 -14.72 17.45
C GLY D 50 -12.69 -14.22 17.92
N ILE D 51 -11.81 -15.13 18.31
CA ILE D 51 -10.41 -14.78 18.55
C ILE D 51 -9.70 -14.34 17.28
N GLN D 52 -9.95 -15.02 16.17
CA GLN D 52 -9.25 -14.76 14.92
C GLN D 52 -9.71 -13.48 14.22
N MET D 53 -10.76 -12.82 14.71
CA MET D 53 -11.26 -11.60 14.10
C MET D 53 -10.94 -10.36 14.93
N THR D 54 -10.93 -10.47 16.25
CA THR D 54 -10.58 -9.32 17.08
C THR D 54 -9.07 -9.12 17.11
N THR D 55 -8.65 -7.86 17.18
CA THR D 55 -7.23 -7.51 17.21
C THR D 55 -6.63 -7.78 18.58
N ARG D 56 -5.32 -7.59 18.68
CA ARG D 56 -4.69 -7.55 20.00
C ARG D 56 -5.00 -6.26 20.74
N ARG D 57 -5.41 -5.20 20.03
CA ARG D 57 -5.77 -3.96 20.71
C ARG D 57 -7.15 -3.99 21.30
N ALA D 58 -8.01 -4.90 20.85
CA ALA D 58 -9.37 -4.95 21.37
C ALA D 58 -9.44 -5.80 22.63
N LEU D 59 -8.39 -6.54 22.94
CA LEU D 59 -8.28 -7.32 24.17
C LEU D 59 -7.42 -6.63 25.21
N CYS D 60 -6.34 -5.97 24.78
CA CYS D 60 -5.41 -5.38 25.72
C CYS D 60 -5.93 -4.06 26.27
N ASN D 61 -6.54 -3.24 25.42
CA ASN D 61 -6.91 -1.88 25.80
C ASN D 61 -8.39 -1.70 26.09
N VAL D 62 -9.17 -2.79 26.04
CA VAL D 62 -10.57 -2.73 26.47
C VAL D 62 -10.80 -3.49 27.76
N LYS D 63 -10.21 -4.67 27.94
CA LYS D 63 -10.16 -5.35 29.23
C LYS D 63 -9.08 -4.83 30.17
N GLY D 64 -7.93 -4.40 29.66
CA GLY D 64 -6.87 -3.91 30.53
C GLY D 64 -6.02 -4.98 31.16
N LEU D 65 -5.66 -6.02 30.39
CA LEU D 65 -4.78 -7.07 30.88
C LEU D 65 -3.33 -6.76 30.49
N SER D 66 -2.41 -7.55 31.03
CA SER D 66 -1.03 -7.48 30.58
C SER D 66 -0.90 -8.12 29.19
N GLU D 67 0.13 -7.72 28.46
CA GLU D 67 0.30 -8.18 27.08
C GLU D 67 0.98 -9.54 27.01
N ALA D 68 1.48 -10.05 28.14
CA ALA D 68 1.82 -11.46 28.23
C ALA D 68 0.59 -12.34 28.38
N LYS D 69 -0.53 -11.77 28.84
CA LYS D 69 -1.79 -12.49 28.91
C LYS D 69 -2.46 -12.57 27.54
N VAL D 70 -1.94 -11.87 26.56
CA VAL D 70 -2.64 -11.76 25.29
C VAL D 70 -2.17 -12.82 24.31
N ASP D 71 -0.85 -12.89 24.07
CA ASP D 71 -0.33 -13.88 23.15
C ASP D 71 -0.38 -15.30 23.71
N LYS D 72 -0.72 -15.48 25.00
CA LYS D 72 -0.91 -16.84 25.51
C LYS D 72 -2.19 -17.46 24.95
N ILE D 73 -3.21 -16.64 24.67
CA ILE D 73 -4.42 -17.13 24.01
C ILE D 73 -4.39 -16.94 22.51
N LYS D 74 -3.43 -16.18 21.99
CA LYS D 74 -3.23 -16.12 20.55
C LYS D 74 -2.26 -17.18 20.06
N GLU D 75 -1.43 -17.74 20.95
CA GLU D 75 -0.67 -18.94 20.61
C GLU D 75 -1.54 -20.18 20.74
N ALA D 76 -2.48 -20.18 21.70
CA ALA D 76 -3.36 -21.33 21.89
C ALA D 76 -4.38 -21.46 20.77
N ALA D 77 -4.70 -20.36 20.09
CA ALA D 77 -5.61 -20.41 18.96
C ALA D 77 -4.93 -20.88 17.69
N ASN D 78 -3.61 -21.01 17.67
CA ASN D 78 -2.87 -21.42 16.50
C ASN D 78 -2.59 -22.93 16.51
N LYS D 79 -3.01 -23.62 17.57
CA LYS D 79 -2.90 -25.07 17.69
C LYS D 79 -4.16 -25.76 17.22
N LEU D 80 -4.80 -25.19 16.20
CA LEU D 80 -6.19 -25.35 15.80
C LEU D 80 -6.20 -25.24 14.27
N ILE D 81 -7.32 -24.79 13.72
CA ILE D 81 -7.49 -24.49 12.29
C ILE D 81 -6.32 -23.65 11.78
N GLU D 82 -5.82 -24.03 10.60
CA GLU D 82 -4.48 -23.72 10.15
C GLU D 82 -4.27 -22.25 9.83
N PRO D 83 -3.08 -21.71 10.07
CA PRO D 83 -2.62 -20.54 9.30
C PRO D 83 -1.85 -21.01 8.08
N GLY D 84 -2.15 -20.40 6.95
CA GLY D 84 -1.50 -20.81 5.73
C GLY D 84 -2.39 -20.51 4.53
N PHE D 85 -2.20 -21.32 3.49
CA PHE D 85 -2.78 -21.06 2.19
C PHE D 85 -3.47 -22.30 1.67
N LEU D 86 -4.61 -22.10 1.00
CA LEU D 86 -5.30 -23.15 0.28
C LEU D 86 -5.25 -22.86 -1.21
N THR D 87 -5.30 -23.92 -2.01
CA THR D 87 -5.48 -23.73 -3.44
C THR D 87 -6.92 -23.33 -3.71
N ALA D 88 -7.14 -22.80 -4.93
CA ALA D 88 -8.49 -22.38 -5.29
C ALA D 88 -9.39 -23.58 -5.56
N PHE D 89 -8.80 -24.73 -5.90
CA PHE D 89 -9.62 -25.91 -6.16
C PHE D 89 -10.08 -26.54 -4.86
N GLU D 90 -9.19 -26.63 -3.86
CA GLU D 90 -9.59 -27.22 -2.60
C GLU D 90 -10.36 -26.23 -1.73
N TYR D 91 -10.31 -24.95 -2.07
CA TYR D 91 -11.21 -23.98 -1.44
C TYR D 91 -12.60 -24.04 -2.04
N SER D 92 -12.72 -24.46 -3.31
CA SER D 92 -14.00 -24.41 -4.00
C SER D 92 -14.98 -25.46 -3.47
N GLU D 93 -14.46 -26.55 -2.93
CA GLU D 93 -15.30 -27.53 -2.25
C GLU D 93 -15.58 -27.16 -0.80
N LYS D 94 -14.84 -26.20 -0.24
CA LYS D 94 -15.21 -25.61 1.03
C LYS D 94 -16.31 -24.58 0.86
N ARG D 95 -16.51 -24.07 -0.35
CA ARG D 95 -17.59 -23.15 -0.69
C ARG D 95 -18.88 -23.85 -1.07
N LYS D 96 -19.05 -25.13 -0.71
CA LYS D 96 -20.30 -25.80 -1.03
C LYS D 96 -21.34 -25.62 0.06
N MET D 97 -20.93 -25.14 1.24
CA MET D 97 -21.86 -24.96 2.34
C MET D 97 -22.69 -23.69 2.19
N VAL D 98 -22.38 -22.84 1.20
CA VAL D 98 -23.21 -21.67 0.92
C VAL D 98 -24.52 -22.10 0.28
N PHE D 99 -25.62 -21.53 0.75
CA PHE D 99 -26.93 -21.83 0.20
C PHE D 99 -27.49 -20.61 -0.51
N HIS D 100 -28.71 -20.76 -1.01
CA HIS D 100 -29.41 -19.68 -1.67
C HIS D 100 -30.88 -19.72 -1.27
N ILE D 101 -31.37 -18.60 -0.74
CA ILE D 101 -32.75 -18.48 -0.28
C ILE D 101 -33.53 -17.82 -1.39
N THR D 102 -34.50 -18.54 -1.95
CA THR D 102 -35.28 -18.01 -3.05
C THR D 102 -36.24 -16.93 -2.56
N THR D 103 -36.59 -16.01 -3.46
CA THR D 103 -37.36 -14.84 -3.08
C THR D 103 -38.86 -15.02 -3.20
N GLY D 104 -39.31 -15.91 -4.07
CA GLY D 104 -40.73 -16.14 -4.27
C GLY D 104 -41.18 -16.13 -5.71
N SER D 105 -40.39 -15.58 -6.63
CA SER D 105 -40.73 -15.56 -8.04
C SER D 105 -39.55 -16.11 -8.84
N GLN D 106 -39.85 -16.61 -10.04
CA GLN D 106 -38.84 -17.37 -10.78
C GLN D 106 -37.86 -16.46 -11.51
N GLU D 107 -38.34 -15.35 -12.09
CA GLU D 107 -37.43 -14.47 -12.80
C GLU D 107 -36.51 -13.72 -11.87
N PHE D 108 -36.94 -13.46 -10.64
CA PHE D 108 -36.11 -12.72 -9.71
C PHE D 108 -34.98 -13.58 -9.15
N ASP D 109 -35.13 -14.90 -9.22
CA ASP D 109 -34.05 -15.78 -8.76
C ASP D 109 -32.98 -15.93 -9.82
N LYS D 110 -33.34 -15.80 -11.10
CA LYS D 110 -32.36 -15.91 -12.17
C LYS D 110 -31.44 -14.69 -12.21
N LEU D 111 -31.91 -13.55 -11.69
CA LEU D 111 -31.05 -12.39 -11.55
C LEU D 111 -29.93 -12.66 -10.55
N LEU D 112 -30.30 -13.08 -9.35
CA LEU D 112 -29.34 -13.27 -8.27
C LEU D 112 -28.56 -14.57 -8.40
N GLY D 113 -28.96 -15.46 -9.30
CA GLY D 113 -28.28 -16.72 -9.44
C GLY D 113 -28.84 -17.85 -8.63
N GLY D 114 -30.07 -17.73 -8.15
CA GLY D 114 -30.67 -18.77 -7.34
C GLY D 114 -31.28 -18.24 -6.07
N GLY D 115 -31.19 -16.94 -5.85
CA GLY D 115 -31.74 -16.33 -4.66
C GLY D 115 -30.67 -15.59 -3.88
N ILE D 116 -31.04 -15.26 -2.63
CA ILE D 116 -30.16 -14.48 -1.78
C ILE D 116 -29.10 -15.38 -1.18
N GLU D 117 -27.84 -15.05 -1.44
CA GLU D 117 -26.69 -15.87 -1.10
C GLU D 117 -26.36 -15.73 0.38
N SER D 118 -25.78 -16.79 0.95
CA SER D 118 -25.23 -16.74 2.29
C SER D 118 -23.80 -16.24 2.25
N MET D 119 -23.26 -15.97 3.43
CA MET D 119 -21.90 -15.43 3.63
C MET D 119 -21.69 -14.11 2.87
N ALA D 120 -22.70 -13.27 2.86
CA ALA D 120 -22.65 -12.02 2.10
C ALA D 120 -23.68 -11.06 2.65
N ILE D 121 -23.65 -9.83 2.13
CA ILE D 121 -24.59 -8.79 2.49
C ILE D 121 -25.29 -8.33 1.23
N THR D 122 -26.58 -8.61 1.13
CA THR D 122 -27.39 -8.21 -0.02
C THR D 122 -28.27 -7.04 0.36
N GLU D 123 -28.14 -5.94 -0.38
CA GLU D 123 -28.86 -4.71 -0.07
C GLU D 123 -29.77 -4.36 -1.23
N ALA D 124 -31.05 -4.13 -0.92
CA ALA D 124 -32.06 -3.82 -1.92
C ALA D 124 -32.70 -2.49 -1.58
N PHE D 125 -32.36 -1.44 -2.32
CA PHE D 125 -32.89 -0.12 -2.09
C PHE D 125 -34.00 0.20 -3.08
N GLY D 126 -34.89 1.09 -2.68
CA GLY D 126 -36.01 1.44 -3.52
C GLY D 126 -36.46 2.85 -3.21
N GLU D 127 -37.39 3.35 -4.01
CA GLU D 127 -37.73 4.77 -3.88
C GLU D 127 -38.76 5.01 -2.78
N PHE D 128 -40.00 4.61 -3.00
CA PHE D 128 -41.03 5.06 -2.07
C PHE D 128 -42.04 3.96 -1.74
N ARG D 129 -42.48 3.18 -2.71
CA ARG D 129 -43.50 2.16 -2.47
C ARG D 129 -43.16 0.87 -3.19
N THR D 130 -41.90 0.67 -3.52
CA THR D 130 -41.50 -0.35 -4.47
C THR D 130 -41.32 -1.74 -3.85
N GLY D 131 -41.90 -1.99 -2.68
CA GLY D 131 -41.90 -3.32 -2.13
C GLY D 131 -40.60 -3.75 -1.49
N LYS D 132 -40.19 -3.08 -0.41
CA LYS D 132 -39.02 -3.48 0.35
C LYS D 132 -39.36 -4.12 1.68
N THR D 133 -40.49 -3.77 2.27
CA THR D 133 -41.02 -4.54 3.39
C THR D 133 -42.03 -5.57 2.93
N GLN D 134 -42.35 -5.59 1.64
CA GLN D 134 -43.06 -6.71 1.05
C GLN D 134 -42.09 -7.82 0.67
N LEU D 135 -40.86 -7.46 0.32
CA LEU D 135 -39.82 -8.44 0.08
C LEU D 135 -39.28 -9.02 1.37
N SER D 136 -39.24 -8.26 2.45
CA SER D 136 -38.75 -8.80 3.71
C SER D 136 -39.80 -9.63 4.42
N HIS D 137 -41.07 -9.45 4.08
CA HIS D 137 -42.11 -10.30 4.63
C HIS D 137 -42.21 -11.64 3.91
N THR D 138 -41.84 -11.67 2.64
CA THR D 138 -41.86 -12.93 1.90
C THR D 138 -40.71 -13.83 2.34
N LEU D 139 -39.57 -13.25 2.66
CA LEU D 139 -38.43 -14.03 3.12
C LEU D 139 -38.63 -14.59 4.52
N CYS D 140 -39.55 -14.03 5.31
CA CYS D 140 -39.86 -14.61 6.60
C CYS D 140 -40.66 -15.89 6.49
N VAL D 141 -41.21 -16.20 5.32
CA VAL D 141 -41.91 -17.45 5.07
C VAL D 141 -41.11 -18.36 4.18
N THR D 142 -40.45 -17.82 3.16
CA THR D 142 -39.76 -18.64 2.18
C THR D 142 -38.48 -19.26 2.73
N ALA D 143 -37.87 -18.64 3.72
CA ALA D 143 -36.67 -19.23 4.30
C ALA D 143 -36.97 -20.30 5.34
N GLN D 144 -38.22 -20.68 5.52
CA GLN D 144 -38.60 -21.80 6.38
C GLN D 144 -39.02 -23.03 5.60
N LEU D 145 -38.93 -22.98 4.28
CA LEU D 145 -39.41 -24.07 3.45
C LEU D 145 -38.23 -24.79 2.80
N PRO D 146 -38.29 -26.11 2.65
CA PRO D 146 -37.23 -26.82 1.94
C PRO D 146 -37.25 -26.50 0.46
N GLY D 147 -36.07 -26.24 -0.09
CA GLY D 147 -36.00 -25.78 -1.47
C GLY D 147 -34.87 -26.35 -2.30
N ALA D 148 -34.30 -25.53 -3.16
CA ALA D 148 -33.29 -25.99 -4.10
C ALA D 148 -31.94 -26.14 -3.43
N GLY D 149 -31.12 -27.04 -3.97
CA GLY D 149 -29.80 -27.29 -3.42
C GLY D 149 -29.77 -28.00 -2.09
N GLY D 150 -30.88 -28.61 -1.68
CA GLY D 150 -30.94 -29.26 -0.39
C GLY D 150 -31.04 -28.32 0.79
N TYR D 151 -31.42 -27.07 0.58
CA TYR D 151 -31.58 -26.08 1.63
C TYR D 151 -32.75 -26.46 2.53
N PRO D 152 -32.52 -26.75 3.82
CA PRO D 152 -33.59 -27.27 4.67
C PRO D 152 -34.50 -26.24 5.31
N GLY D 153 -34.08 -24.99 5.45
CA GLY D 153 -34.91 -23.99 6.09
C GLY D 153 -34.75 -23.94 7.59
N GLY D 154 -34.89 -22.76 8.17
CA GLY D 154 -34.72 -22.61 9.60
C GLY D 154 -35.35 -21.33 10.10
N LYS D 155 -34.92 -20.92 11.29
CA LYS D 155 -35.51 -19.77 11.95
C LYS D 155 -34.96 -18.47 11.36
N ILE D 156 -35.55 -17.34 11.75
CA ILE D 156 -35.31 -16.04 11.13
C ILE D 156 -35.32 -14.97 12.22
N ILE D 157 -34.37 -14.03 12.15
CA ILE D 157 -34.33 -12.88 13.04
C ILE D 157 -34.63 -11.62 12.25
N PHE D 158 -35.54 -10.80 12.75
CA PHE D 158 -36.04 -9.61 12.05
C PHE D 158 -35.83 -8.40 12.96
N ILE D 159 -34.80 -7.60 12.69
CA ILE D 159 -34.59 -6.35 13.39
C ILE D 159 -35.35 -5.25 12.67
N ASP D 160 -36.19 -4.53 13.39
CA ASP D 160 -37.06 -3.53 12.80
C ASP D 160 -36.55 -2.12 13.10
N THR D 161 -36.85 -1.21 12.18
CA THR D 161 -36.43 0.17 12.34
C THR D 161 -37.54 1.18 12.07
N GLU D 162 -38.50 0.87 11.20
CA GLU D 162 -39.55 1.80 10.83
C GLU D 162 -40.87 1.55 11.52
N ASN D 163 -40.97 0.51 12.35
CA ASN D 163 -42.22 -0.02 12.92
C ASN D 163 -43.22 -0.33 11.80
N THR D 164 -42.82 -1.26 10.94
CA THR D 164 -43.69 -1.71 9.86
C THR D 164 -43.70 -3.23 9.71
N PHE D 165 -43.52 -3.97 10.80
CA PHE D 165 -43.67 -5.41 10.78
C PHE D 165 -45.08 -5.78 11.18
N ARG D 166 -45.79 -6.48 10.32
CA ARG D 166 -47.16 -6.85 10.61
C ARG D 166 -47.28 -8.36 10.68
N PRO D 167 -47.62 -8.92 11.84
CA PRO D 167 -47.67 -10.38 11.96
C PRO D 167 -48.80 -11.02 11.20
N ASP D 168 -49.95 -10.34 11.09
CA ASP D 168 -51.06 -10.87 10.32
C ASP D 168 -50.91 -10.64 8.82
N ARG D 169 -49.83 -9.98 8.40
CA ARG D 169 -49.45 -9.97 6.99
C ARG D 169 -48.68 -11.22 6.62
N LEU D 170 -48.04 -11.86 7.60
CA LEU D 170 -47.38 -13.14 7.36
C LEU D 170 -48.38 -14.28 7.21
N ARG D 171 -49.61 -14.09 7.69
CA ARG D 171 -50.63 -15.12 7.50
C ARG D 171 -51.11 -15.16 6.05
N ASP D 172 -51.19 -14.00 5.39
CA ASP D 172 -51.63 -13.97 4.00
C ASP D 172 -50.63 -14.63 3.06
N ILE D 173 -49.36 -14.65 3.46
CA ILE D 173 -48.33 -15.30 2.67
C ILE D 173 -48.19 -16.77 3.04
N ALA D 174 -48.53 -17.15 4.27
CA ALA D 174 -48.36 -18.52 4.69
C ALA D 174 -49.39 -19.45 4.08
N ASP D 175 -50.54 -18.93 3.66
CA ASP D 175 -51.52 -19.78 2.99
C ASP D 175 -51.23 -19.96 1.52
N ARG D 176 -50.36 -19.14 0.94
CA ARG D 176 -49.96 -19.35 -0.45
C ARG D 176 -49.04 -20.57 -0.57
N PHE D 177 -48.17 -20.78 0.40
CA PHE D 177 -47.28 -21.95 0.41
C PHE D 177 -47.85 -23.11 1.22
N ASN D 178 -49.08 -22.96 1.72
CA ASN D 178 -49.84 -24.00 2.43
C ASN D 178 -49.11 -24.50 3.68
N VAL D 179 -48.75 -23.55 4.54
CA VAL D 179 -48.07 -23.84 5.80
C VAL D 179 -48.98 -23.32 6.91
N ASP D 180 -49.01 -24.04 8.04
CA ASP D 180 -49.89 -23.69 9.14
C ASP D 180 -49.46 -22.38 9.79
N HIS D 181 -50.39 -21.81 10.57
CA HIS D 181 -50.20 -20.45 11.06
C HIS D 181 -49.19 -20.43 12.20
N ASP D 182 -49.25 -21.42 13.08
CA ASP D 182 -48.44 -21.40 14.31
C ASP D 182 -46.97 -21.69 14.02
N ALA D 183 -46.69 -22.49 13.00
CA ALA D 183 -45.30 -22.83 12.72
C ALA D 183 -44.57 -21.67 12.06
N VAL D 184 -45.30 -20.77 11.42
CA VAL D 184 -44.67 -19.65 10.75
C VAL D 184 -44.27 -18.59 11.77
N LEU D 185 -45.18 -18.27 12.69
CA LEU D 185 -44.95 -17.14 13.59
C LEU D 185 -44.04 -17.50 14.76
N ASP D 186 -43.87 -18.78 15.08
CA ASP D 186 -43.01 -19.13 16.19
C ASP D 186 -41.56 -19.32 15.78
N ASN D 187 -41.26 -19.25 14.49
CA ASN D 187 -39.90 -19.38 14.00
C ASN D 187 -39.35 -18.05 13.49
N VAL D 188 -39.96 -16.94 13.93
CA VAL D 188 -39.52 -15.61 13.53
C VAL D 188 -39.32 -14.80 14.80
N LEU D 189 -38.07 -14.51 15.15
CA LEU D 189 -37.81 -13.61 16.25
C LEU D 189 -37.98 -12.16 15.79
N TYR D 190 -38.09 -11.25 16.75
CA TYR D 190 -38.41 -9.87 16.43
C TYR D 190 -37.93 -8.97 17.53
N ALA D 191 -37.34 -7.83 17.15
CA ALA D 191 -36.99 -6.79 18.11
C ALA D 191 -36.94 -5.47 17.37
N ARG D 192 -37.49 -4.42 17.98
CA ARG D 192 -37.45 -3.09 17.39
C ARG D 192 -36.32 -2.29 17.99
N ALA D 193 -35.50 -1.71 17.13
CA ALA D 193 -34.43 -0.82 17.56
C ALA D 193 -34.99 0.59 17.63
N TYR D 194 -34.88 1.21 18.80
CA TYR D 194 -35.48 2.51 19.01
C TYR D 194 -34.59 3.66 18.61
N THR D 195 -33.28 3.49 18.72
CA THR D 195 -32.33 4.51 18.29
C THR D 195 -31.13 3.80 17.69
N SER D 196 -30.15 4.60 17.24
CA SER D 196 -29.00 4.04 16.54
C SER D 196 -27.99 3.37 17.46
N GLU D 197 -28.14 3.50 18.78
CA GLU D 197 -27.35 2.74 19.73
C GLU D 197 -27.92 1.34 19.90
N HIS D 198 -29.23 1.18 19.76
CA HIS D 198 -29.84 -0.14 19.82
C HIS D 198 -29.48 -0.99 18.63
N GLN D 199 -29.15 -0.38 17.50
CA GLN D 199 -28.76 -1.18 16.35
C GLN D 199 -27.41 -1.84 16.55
N MET D 200 -26.56 -1.27 17.41
CA MET D 200 -25.31 -1.91 17.78
C MET D 200 -25.42 -2.68 19.09
N GLU D 201 -26.41 -2.34 19.92
CA GLU D 201 -26.69 -3.14 21.10
C GLU D 201 -27.29 -4.49 20.75
N LEU D 202 -28.21 -4.52 19.78
CA LEU D 202 -28.93 -5.74 19.48
C LEU D 202 -28.06 -6.77 18.80
N LEU D 203 -26.97 -6.37 18.17
CA LEU D 203 -26.10 -7.33 17.51
C LEU D 203 -25.27 -8.16 18.47
N ASP D 204 -25.27 -7.83 19.76
CA ASP D 204 -24.73 -8.75 20.75
C ASP D 204 -25.71 -9.88 21.02
N TYR D 205 -27.01 -9.60 21.03
CA TYR D 205 -27.99 -10.63 21.27
C TYR D 205 -28.24 -11.51 20.05
N VAL D 206 -27.94 -11.02 18.85
CA VAL D 206 -28.01 -11.87 17.66
C VAL D 206 -26.87 -12.87 17.65
N ALA D 207 -25.68 -12.44 18.07
CA ALA D 207 -24.54 -13.35 18.10
C ALA D 207 -24.71 -14.40 19.19
N ALA D 208 -25.40 -14.06 20.28
CA ALA D 208 -25.65 -15.04 21.33
C ALA D 208 -26.78 -16.00 20.92
N LYS D 209 -27.74 -15.52 20.13
CA LYS D 209 -28.84 -16.37 19.71
C LYS D 209 -28.38 -17.37 18.65
N PHE D 210 -27.44 -16.96 17.80
CA PHE D 210 -26.90 -17.87 16.81
C PHE D 210 -26.01 -18.93 17.45
N HIS D 211 -25.44 -18.60 18.61
CA HIS D 211 -24.44 -19.45 19.24
C HIS D 211 -25.07 -20.64 19.96
N GLU D 212 -26.27 -20.46 20.52
CA GLU D 212 -26.89 -21.54 21.28
C GLU D 212 -27.39 -22.66 20.38
N GLU D 213 -28.38 -22.39 19.53
CA GLU D 213 -28.83 -23.41 18.59
C GLU D 213 -27.90 -23.37 17.39
N ALA D 214 -26.88 -24.23 17.44
CA ALA D 214 -25.80 -24.22 16.45
C ALA D 214 -26.30 -24.82 15.14
N GLY D 215 -26.68 -23.95 14.22
CA GLY D 215 -26.99 -24.37 12.87
C GLY D 215 -28.46 -24.29 12.51
N ILE D 216 -29.28 -23.70 13.39
CA ILE D 216 -30.70 -23.63 13.12
C ILE D 216 -31.09 -22.35 12.38
N PHE D 217 -30.59 -21.20 12.81
CA PHE D 217 -30.93 -19.94 12.16
C PHE D 217 -30.28 -19.83 10.80
N LYS D 218 -31.00 -19.23 9.86
CA LYS D 218 -30.54 -19.12 8.48
C LYS D 218 -30.47 -17.69 7.98
N LEU D 219 -31.36 -16.82 8.42
CA LEU D 219 -31.49 -15.49 7.84
C LEU D 219 -31.48 -14.42 8.92
N LEU D 220 -30.90 -13.28 8.59
CA LEU D 220 -30.94 -12.09 9.44
C LEU D 220 -31.42 -10.94 8.56
N ILE D 221 -32.64 -10.49 8.78
CA ILE D 221 -33.24 -9.40 8.03
C ILE D 221 -33.22 -8.16 8.89
N ILE D 222 -32.57 -7.12 8.42
CA ILE D 222 -32.71 -5.79 9.00
C ILE D 222 -33.53 -4.96 8.04
N ASP D 223 -34.42 -4.13 8.58
CA ASP D 223 -35.03 -3.08 7.79
C ASP D 223 -34.06 -1.92 7.67
N SER D 224 -34.56 -0.73 7.30
CA SER D 224 -33.74 0.36 6.78
C SER D 224 -32.68 0.79 7.78
N ILE D 225 -31.42 0.43 7.48
CA ILE D 225 -30.34 0.62 8.43
C ILE D 225 -29.98 2.08 8.55
N MET D 226 -30.29 2.88 7.53
CA MET D 226 -30.05 4.30 7.56
C MET D 226 -31.27 5.10 7.97
N ALA D 227 -32.34 4.44 8.40
CA ALA D 227 -33.52 5.18 8.83
C ALA D 227 -33.30 5.85 10.18
N LEU D 228 -32.35 5.37 10.96
CA LEU D 228 -32.03 5.98 12.24
C LEU D 228 -30.76 6.79 12.21
N PHE D 229 -29.90 6.59 11.22
CA PHE D 229 -28.71 7.41 11.11
C PHE D 229 -28.98 8.77 10.49
N ARG D 230 -30.08 8.94 9.77
CA ARG D 230 -30.38 10.23 9.17
C ARG D 230 -30.79 11.24 10.21
N VAL D 231 -31.51 10.81 11.25
CA VAL D 231 -32.09 11.74 12.20
C VAL D 231 -31.24 11.93 13.45
N ASP D 232 -30.29 11.04 13.72
CA ASP D 232 -29.46 11.14 14.91
C ASP D 232 -28.16 11.88 14.67
N PHE D 233 -27.79 12.10 13.41
CA PHE D 233 -26.53 12.73 13.04
C PHE D 233 -26.77 13.77 11.97
N SER D 234 -27.74 14.66 12.18
CA SER D 234 -28.08 15.65 11.17
C SER D 234 -27.04 16.76 11.13
N GLY D 235 -26.80 17.28 9.94
CA GLY D 235 -25.87 18.36 9.72
C GLY D 235 -24.65 17.88 8.94
N ARG D 236 -23.71 18.80 8.76
CA ARG D 236 -22.41 18.47 8.20
C ARG D 236 -21.31 18.41 9.22
N GLY D 237 -21.52 18.99 10.41
CA GLY D 237 -20.55 18.85 11.48
C GLY D 237 -20.54 17.47 12.11
N GLU D 238 -21.57 16.67 11.85
CA GLU D 238 -21.65 15.31 12.37
C GLU D 238 -21.62 14.28 11.25
N LEU D 239 -21.18 14.64 10.06
CA LEU D 239 -21.08 13.66 8.98
C LEU D 239 -19.90 12.72 9.20
N ALA D 240 -18.82 13.21 9.81
CA ALA D 240 -17.65 12.37 10.03
C ALA D 240 -17.90 11.31 11.09
N GLU D 241 -18.67 11.63 12.12
CA GLU D 241 -19.03 10.61 13.09
C GLU D 241 -20.07 9.65 12.58
N ARG D 242 -20.94 10.08 11.67
CA ARG D 242 -22.00 9.20 11.21
C ARG D 242 -21.44 8.06 10.36
N GLN D 243 -20.51 8.38 9.48
CA GLN D 243 -19.90 7.36 8.64
C GLN D 243 -18.84 6.55 9.37
N GLN D 244 -18.50 6.90 10.61
CA GLN D 244 -17.61 6.08 11.41
C GLN D 244 -18.35 5.16 12.38
N LYS D 245 -19.52 5.56 12.86
CA LYS D 245 -20.35 4.61 13.60
C LYS D 245 -21.05 3.64 12.67
N LEU D 246 -21.18 3.98 11.39
CA LEU D 246 -21.81 3.09 10.42
C LEU D 246 -20.84 2.03 9.93
N ALA D 247 -19.57 2.39 9.76
CA ALA D 247 -18.59 1.44 9.25
C ALA D 247 -18.26 0.37 10.27
N GLN D 248 -18.33 0.69 11.55
CA GLN D 248 -18.13 -0.31 12.59
C GLN D 248 -19.30 -1.26 12.70
N MET D 249 -20.46 -0.89 12.17
CA MET D 249 -21.62 -1.77 12.18
C MET D 249 -21.59 -2.74 11.01
N LEU D 250 -21.20 -2.26 9.82
CA LEU D 250 -21.18 -3.11 8.64
C LEU D 250 -20.06 -4.13 8.70
N SER D 251 -18.96 -3.82 9.39
CA SER D 251 -17.90 -4.81 9.56
C SER D 251 -18.32 -5.87 10.56
N ARG D 252 -19.19 -5.51 11.49
CA ARG D 252 -19.73 -6.50 12.42
C ARG D 252 -20.74 -7.41 11.72
N LEU D 253 -21.51 -6.88 10.78
CA LEU D 253 -22.47 -7.71 10.06
C LEU D 253 -21.78 -8.68 9.11
N GLN D 254 -20.64 -8.27 8.54
CA GLN D 254 -19.88 -9.17 7.69
C GLN D 254 -19.20 -10.26 8.49
N LYS D 255 -18.80 -9.97 9.73
CA LYS D 255 -18.15 -10.98 10.55
C LYS D 255 -19.14 -12.01 11.09
N ILE D 256 -20.34 -11.57 11.48
CA ILE D 256 -21.37 -12.48 11.95
C ILE D 256 -21.82 -13.40 10.83
N SER D 257 -21.86 -12.90 9.60
CA SER D 257 -22.34 -13.66 8.47
C SER D 257 -21.38 -14.76 8.03
N GLU D 258 -20.12 -14.72 8.47
CA GLU D 258 -19.17 -15.78 8.21
C GLU D 258 -18.86 -16.63 9.43
N GLU D 259 -19.07 -16.08 10.62
CA GLU D 259 -18.82 -16.83 11.85
C GLU D 259 -19.86 -17.90 12.06
N TYR D 260 -21.08 -17.68 11.57
CA TYR D 260 -22.19 -18.59 11.81
C TYR D 260 -22.92 -19.04 10.57
N ASN D 261 -22.48 -18.60 9.38
CA ASN D 261 -23.00 -19.02 8.07
C ASN D 261 -24.48 -18.71 7.92
N VAL D 262 -24.82 -17.42 7.96
CA VAL D 262 -26.17 -16.96 7.71
C VAL D 262 -26.13 -15.98 6.54
N ALA D 263 -27.32 -15.53 6.13
CA ALA D 263 -27.46 -14.56 5.07
C ALA D 263 -28.02 -13.27 5.64
N VAL D 264 -27.50 -12.13 5.18
CA VAL D 264 -27.89 -10.83 5.67
C VAL D 264 -28.61 -10.09 4.54
N PHE D 265 -29.80 -9.58 4.83
CA PHE D 265 -30.58 -8.80 3.89
C PHE D 265 -30.85 -7.44 4.50
N VAL D 266 -30.66 -6.38 3.73
CA VAL D 266 -30.64 -5.02 4.24
C VAL D 266 -31.43 -4.11 3.30
N THR D 267 -32.35 -3.33 3.87
CA THR D 267 -33.19 -2.41 3.13
C THR D 267 -32.58 -1.02 3.22
N ASN D 268 -32.65 -0.23 2.15
CA ASN D 268 -32.12 1.12 2.15
C ASN D 268 -33.11 2.10 1.54
N GLN D 269 -32.93 3.37 1.87
CA GLN D 269 -33.77 4.48 1.42
C GLN D 269 -33.05 5.25 0.32
N MET D 270 -33.65 6.36 -0.12
CA MET D 270 -33.09 7.13 -1.22
C MET D 270 -33.22 8.63 -0.95
N THR D 271 -32.34 9.40 -1.58
CA THR D 271 -32.41 10.86 -1.56
C THR D 271 -32.45 11.35 -3.00
N ALA D 272 -32.65 12.65 -3.17
CA ALA D 272 -32.59 13.23 -4.49
C ALA D 272 -31.15 13.60 -4.83
N ASP D 273 -30.98 14.26 -5.97
CA ASP D 273 -29.66 14.66 -6.45
C ASP D 273 -29.83 15.88 -7.36
N PRO D 274 -29.80 17.09 -6.80
CA PRO D 274 -29.94 18.28 -7.65
C PRO D 274 -28.72 18.56 -8.50
N GLY D 275 -27.52 18.43 -7.94
CA GLY D 275 -26.31 18.74 -8.67
C GLY D 275 -25.78 20.12 -8.37
N PRO D 284 -34.04 12.02 -10.73
CA PRO D 284 -32.66 11.65 -10.39
C PRO D 284 -32.49 11.36 -8.91
N LYS D 285 -32.44 10.08 -8.55
CA LYS D 285 -32.30 9.67 -7.17
C LYS D 285 -30.89 9.15 -6.93
N LYS D 286 -30.60 8.83 -5.68
CA LYS D 286 -29.34 8.31 -5.21
C LYS D 286 -29.56 7.69 -3.84
N PRO D 287 -28.98 6.53 -3.55
CA PRO D 287 -29.19 5.90 -2.25
C PRO D 287 -28.51 6.66 -1.12
N ILE D 288 -29.18 6.68 0.02
CA ILE D 288 -28.62 7.23 1.26
C ILE D 288 -27.48 6.33 1.71
N GLY D 289 -26.48 6.93 2.36
CA GLY D 289 -25.29 6.19 2.72
C GLY D 289 -24.24 6.39 1.65
N GLY D 290 -23.04 6.78 2.04
CA GLY D 290 -22.06 7.21 1.06
C GLY D 290 -21.31 6.06 0.40
N HIS D 291 -19.99 6.22 0.27
CA HIS D 291 -19.19 5.16 -0.32
C HIS D 291 -18.93 4.02 0.65
N ILE D 292 -19.19 4.22 1.94
CA ILE D 292 -18.93 3.18 2.91
C ILE D 292 -19.97 2.08 2.83
N LEU D 293 -21.25 2.43 2.70
CA LEU D 293 -22.27 1.43 2.46
C LEU D 293 -22.17 0.83 1.07
N ALA D 294 -21.64 1.58 0.10
CA ALA D 294 -21.56 1.09 -1.26
C ALA D 294 -20.44 0.09 -1.45
N HIS D 295 -19.39 0.17 -0.63
CA HIS D 295 -18.28 -0.75 -0.77
C HIS D 295 -18.51 -2.03 0.02
N ALA D 296 -19.10 -1.90 1.21
CA ALA D 296 -19.27 -3.06 2.09
C ALA D 296 -20.36 -3.99 1.59
N SER D 297 -21.31 -3.48 0.80
CA SER D 297 -22.37 -4.30 0.28
C SER D 297 -21.87 -5.16 -0.88
N THR D 298 -22.36 -6.40 -0.94
CA THR D 298 -21.96 -7.31 -1.98
C THR D 298 -22.88 -7.25 -3.19
N THR D 299 -24.19 -7.33 -2.97
CA THR D 299 -25.17 -7.28 -4.04
C THR D 299 -26.06 -6.06 -3.84
N ARG D 300 -26.35 -5.36 -4.93
CA ARG D 300 -27.17 -4.16 -4.88
C ARG D 300 -28.31 -4.30 -5.87
N ILE D 301 -29.54 -4.19 -5.39
CA ILE D 301 -30.74 -4.27 -6.21
C ILE D 301 -31.49 -2.96 -6.09
N SER D 302 -32.03 -2.47 -7.19
CA SER D 302 -32.94 -1.34 -7.18
C SER D 302 -34.31 -1.79 -7.60
N LEU D 303 -35.32 -1.40 -6.84
CA LEU D 303 -36.70 -1.68 -7.19
C LEU D 303 -37.36 -0.39 -7.70
N ARG D 304 -37.88 -0.44 -8.92
CA ARG D 304 -38.62 0.66 -9.49
C ARG D 304 -40.08 0.26 -9.64
N LYS D 305 -40.94 1.24 -9.93
CA LYS D 305 -42.35 0.95 -10.12
C LYS D 305 -42.70 1.03 -11.60
N GLY D 306 -43.45 0.05 -12.07
CA GLY D 306 -43.89 0.03 -13.45
C GLY D 306 -45.40 -0.01 -13.58
N ARG D 307 -45.86 -0.92 -14.43
CA ARG D 307 -47.27 -1.05 -14.81
C ARG D 307 -48.09 -1.51 -13.61
N GLY D 308 -48.75 -0.57 -12.94
CA GLY D 308 -49.70 -0.95 -11.91
C GLY D 308 -49.12 -1.60 -10.68
N GLU D 309 -49.31 -2.92 -10.56
CA GLU D 309 -48.75 -3.68 -9.45
C GLU D 309 -47.47 -4.41 -9.83
N LEU D 310 -46.87 -4.08 -10.97
CA LEU D 310 -45.62 -4.68 -11.37
C LEU D 310 -44.46 -3.77 -10.97
N ARG D 311 -43.40 -4.37 -10.44
CA ARG D 311 -42.19 -3.65 -10.11
C ARG D 311 -41.07 -4.16 -11.01
N ILE D 312 -39.96 -3.43 -11.03
CA ILE D 312 -38.85 -3.73 -11.93
C ILE D 312 -37.57 -3.76 -11.10
N ALA D 313 -36.91 -4.90 -11.07
CA ALA D 313 -35.69 -5.08 -10.30
C ALA D 313 -34.47 -5.11 -11.21
N LYS D 314 -33.37 -4.53 -10.74
CA LYS D 314 -32.17 -4.38 -11.56
C LYS D 314 -30.93 -4.46 -10.67
N ILE D 315 -29.94 -5.22 -11.12
CA ILE D 315 -28.70 -5.41 -10.39
C ILE D 315 -27.75 -4.27 -10.73
N TYR D 316 -27.25 -3.56 -9.72
CA TYR D 316 -26.11 -2.68 -9.91
C TYR D 316 -24.78 -3.38 -9.68
N ASP D 317 -24.54 -3.81 -8.46
CA ASP D 317 -23.25 -4.33 -8.04
C ASP D 317 -23.42 -5.79 -7.67
N SER D 318 -22.55 -6.64 -8.21
CA SER D 318 -22.51 -8.05 -7.90
C SER D 318 -21.18 -8.57 -8.37
N PRO D 319 -20.51 -9.45 -7.63
CA PRO D 319 -19.21 -9.95 -8.08
C PRO D 319 -19.31 -10.94 -9.23
N GLU D 320 -20.47 -11.51 -9.48
CA GLU D 320 -20.59 -12.54 -10.51
C GLU D 320 -21.77 -12.35 -11.46
N MET D 321 -22.85 -11.66 -11.04
CA MET D 321 -23.98 -11.63 -11.95
C MET D 321 -23.98 -10.33 -12.76
N PRO D 322 -24.39 -10.38 -14.03
CA PRO D 322 -24.39 -9.16 -14.86
C PRO D 322 -25.64 -8.31 -14.64
N GLU D 323 -25.60 -7.11 -15.22
CA GLU D 323 -26.69 -6.17 -15.06
C GLU D 323 -27.87 -6.55 -15.95
N ASN D 324 -28.96 -6.99 -15.33
CA ASN D 324 -30.13 -7.42 -16.07
C ASN D 324 -31.36 -7.01 -15.29
N GLU D 325 -32.52 -7.14 -15.92
CA GLU D 325 -33.77 -6.69 -15.33
C GLU D 325 -34.80 -7.83 -15.30
N ALA D 326 -35.79 -7.67 -14.42
CA ALA D 326 -36.88 -8.63 -14.28
C ALA D 326 -38.13 -7.85 -13.89
N THR D 327 -39.20 -8.57 -13.56
CA THR D 327 -40.47 -7.96 -13.17
C THR D 327 -41.09 -8.74 -12.02
N PHE D 328 -41.68 -8.02 -11.08
CA PHE D 328 -42.33 -8.58 -9.90
C PHE D 328 -43.82 -8.68 -10.14
N ALA D 329 -44.53 -9.06 -9.08
CA ALA D 329 -45.95 -8.75 -8.92
C ALA D 329 -46.22 -8.81 -7.42
N ILE D 330 -46.42 -7.67 -6.79
CA ILE D 330 -46.78 -7.65 -5.38
C ILE D 330 -48.26 -8.01 -5.28
N THR D 331 -48.54 -9.27 -5.02
CA THR D 331 -49.90 -9.77 -4.91
C THR D 331 -50.28 -9.81 -3.44
N ALA D 332 -51.44 -10.41 -3.16
CA ALA D 332 -51.90 -10.55 -1.79
C ALA D 332 -51.17 -11.64 -1.03
N GLY D 333 -50.33 -12.43 -1.70
CA GLY D 333 -49.57 -13.48 -1.04
C GLY D 333 -48.08 -13.25 -1.15
N GLY D 334 -47.65 -11.99 -1.17
CA GLY D 334 -46.25 -11.68 -1.25
C GLY D 334 -45.82 -11.32 -2.65
N ILE D 335 -44.64 -11.76 -3.04
CA ILE D 335 -44.08 -11.47 -4.35
C ILE D 335 -44.29 -12.68 -5.26
N GLY D 336 -44.84 -12.43 -6.43
CA GLY D 336 -45.12 -13.48 -7.40
C GLY D 336 -44.68 -13.06 -8.77
N ASP D 337 -45.37 -13.58 -9.79
CA ASP D 337 -44.97 -13.34 -11.17
C ASP D 337 -46.02 -12.60 -11.98
#